data_5GZT
#
_entry.id   5GZT
#
_cell.length_a   114.339
_cell.length_b   123.486
_cell.length_c   130.856
_cell.angle_alpha   90.00
_cell.angle_beta   90.00
_cell.angle_gamma   90.00
#
_symmetry.space_group_name_H-M   'P 21 21 21'
#
loop_
_entity.id
_entity.type
_entity.pdbx_description
1 polymer Chitinase
2 polymer Chitinase
3 non-polymer 'SODIUM ION'
4 non-polymer 'PHOSPHATE ION'
5 non-polymer 'FORMIC ACID'
6 water water
#
loop_
_entity_poly.entity_id
_entity_poly.type
_entity_poly.pdbx_seq_one_letter_code
_entity_poly.pdbx_strand_id
1 'polypeptide(L)'
;MNHKVHHHHHHIEGRHMELGTLEVILDRAAAFKNEANAIAYDKAGTYGPASGTETIDGNVKVTVPGVTLRNLVIKGDLLL
SEGVGSGDVTLDKVSVHGLTTVSGGGEN
;
A
2 'polypeptide(L)'
;SVHMNDSVIGVVYVDKKDTPVRIVAKGSAKVGEVIIAGSVKLEETDLTGTGFEKVVLKDLLPANAKVTLSGSFTDVDVAA
SANPQLNVNSGTIERLTVAASSKDAVIVLASGVKVTTLTLNIKTQIKGQGSVGTAVVNLGGKGSSFESAPGKTEGIAKDS
VTTGGSFGGGGYGGGSGSSSNPVVKLISTASNNDRQLVLKFNAYGWDNNATIVLTSPAGKQTTYTYEKNSAQFAVSAPEV
TFTSDKGLAAGTWLYSVKTAKGSVTSDTVTGKAFVQGKIVSYIPAWVDWAKDERGVDATKFTHLYYAFGRINNGKVVTIK
EDAKWTEDPTITEADRIKRRNNPDESNLAYLTGLKAKNPNLKVLVSIGGWEAEGFSDAALTPESREVFANSALDFMNKYN
LDGIDLDWEYPVYGAWGVIKSRPEDKANFTALLKLLREKLDAQSTTTNKYYELAIAAGASKTYTDSVELTKITPYLDYIN
LMTYDLHGGWDPATSHHTAVYSATNNQLSVDSTVKLYLNNGVPAEKLMVGGAFYSRVWQNVENKGTGLSEKAGSQAGSPG
TIVYSELVNNYINKNGYTRYWDDTAKAPYLFNGSTFISYEDTASAAYKAEYIKQNNLAGFMYWEYSQDSDSHELANTIYS
RLYAKSGTPLSVGTSVYAGTVTMATYTQLPAGTFILPLTQGTLKPVISASDVTVSGIPAGITYTVANAADHRNAVAVYVN
GGTVASNVYDPIDVRVVVKASAVLEANMTDSAPASVTIMPKFGPILLGYVPGWVDWTNSAYKVDATKLTHINYAFARIKD
NKVVKISEDINWVNEFPSEEIREQRRNNPDDANFAYLKTLKQQNPSLKVLVSIGGWAAEGFSDAALTPETREELANSAIA
FMHQYGFDGIDLDWEYPVYGAFGVIKSRPEDKQNFTALLKLFREKLDVEGALHGKYYELAIASAAAPIYINSVELDKIHQ
YLDYMSVMTYDYHGSWESKTAHQASVYTSALSPGDFSADSVLTAYRKQGVPASKLVIGGAFYARGWVNVPNINHGLFQQA
GDQAKNPGTPTYNDLVKDYFDKGYTRYWDNSAKAPYLYNPDANGGTFITYDDEESLKYKAEYAKNQGLRGVMFWDYSQDI
SGKLLGAIFNELKAPK
;
B
#
loop_
_chem_comp.id
_chem_comp.type
_chem_comp.name
_chem_comp.formula
FMT non-polymer 'FORMIC ACID' 'C H2 O2'
NA non-polymer 'SODIUM ION' 'Na 1'
PO4 non-polymer 'PHOSPHATE ION' 'O4 P -3'
#
# COMPACT_ATOMS: atom_id res chain seq x y z
N ALA A 40 43.79 -73.39 19.06
CA ALA A 40 44.54 -72.56 20.07
C ALA A 40 43.70 -72.43 21.36
N TYR A 41 43.68 -73.49 22.19
CA TYR A 41 42.69 -73.66 23.29
C TYR A 41 43.16 -73.34 24.79
N ASP A 42 43.33 -72.06 25.18
CA ASP A 42 44.04 -71.60 26.46
C ASP A 42 43.56 -72.14 27.85
N LYS A 43 44.47 -72.23 28.85
CA LYS A 43 44.15 -72.59 30.30
C LYS A 43 45.06 -71.90 31.40
N ALA A 44 45.51 -70.66 31.11
CA ALA A 44 46.67 -70.02 31.75
C ALA A 44 46.41 -68.81 32.71
N GLY A 45 46.92 -67.65 32.29
CA GLY A 45 47.41 -66.56 33.13
C GLY A 45 47.15 -65.20 32.45
N THR A 46 48.08 -64.65 31.64
CA THR A 46 47.91 -63.35 30.87
C THR A 46 48.37 -63.48 29.37
N TYR A 47 48.11 -64.66 28.76
CA TYR A 47 48.70 -65.05 27.45
C TYR A 47 48.50 -64.15 26.15
N GLY A 48 49.47 -63.28 25.83
CA GLY A 48 49.51 -62.51 24.53
C GLY A 48 50.53 -61.34 24.48
N PRO A 49 50.88 -60.80 23.28
CA PRO A 49 51.81 -59.63 23.00
C PRO A 49 51.69 -58.32 23.81
N ALA A 50 52.62 -57.39 23.58
CA ALA A 50 53.04 -56.38 24.60
C ALA A 50 52.70 -54.92 24.30
N SER A 51 53.41 -54.34 23.35
CA SER A 51 53.08 -53.04 22.77
C SER A 51 52.63 -53.26 21.30
N GLY A 52 52.67 -54.52 20.86
CA GLY A 52 52.50 -54.88 19.45
C GLY A 52 51.34 -55.83 19.17
N THR A 53 50.44 -55.36 18.31
CA THR A 53 49.35 -56.15 17.71
C THR A 53 49.87 -57.44 17.04
N GLU A 54 49.20 -58.58 17.26
CA GLU A 54 49.66 -59.88 16.72
C GLU A 54 48.54 -60.80 16.22
N THR A 55 48.52 -61.06 14.91
CA THR A 55 47.48 -61.85 14.23
C THR A 55 47.63 -63.39 14.37
N ILE A 56 46.51 -64.06 14.64
CA ILE A 56 46.39 -65.54 14.73
C ILE A 56 45.38 -65.93 13.62
N ASP A 57 44.90 -67.17 13.56
CA ASP A 57 43.51 -67.48 13.11
C ASP A 57 42.92 -68.73 13.83
N GLY A 58 41.78 -69.24 13.34
CA GLY A 58 41.20 -70.49 13.85
C GLY A 58 40.41 -70.35 15.15
N ASN A 59 39.66 -71.40 15.47
CA ASN A 59 38.70 -71.43 16.59
C ASN A 59 39.32 -71.61 18.00
N VAL A 60 39.34 -70.51 18.78
CA VAL A 60 40.00 -70.45 20.11
C VAL A 60 38.98 -70.84 21.22
N LYS A 61 39.49 -71.23 22.40
CA LYS A 61 38.66 -71.88 23.43
C LYS A 61 39.10 -71.56 24.88
N VAL A 62 39.33 -70.28 25.20
CA VAL A 62 39.74 -69.86 26.55
C VAL A 62 38.86 -70.54 27.59
N THR A 63 39.39 -71.55 28.26
CA THR A 63 38.56 -72.53 29.01
C THR A 63 38.65 -72.44 30.54
N VAL A 64 39.28 -71.36 31.06
CA VAL A 64 39.53 -71.21 32.51
C VAL A 64 39.49 -69.73 33.00
N PRO A 65 39.21 -69.51 34.31
CA PRO A 65 39.30 -68.20 34.98
C PRO A 65 40.58 -67.36 34.80
N GLY A 66 40.43 -66.04 34.95
CA GLY A 66 41.53 -65.07 35.03
C GLY A 66 42.39 -64.84 33.79
N VAL A 67 42.03 -65.44 32.66
CA VAL A 67 42.89 -65.47 31.47
C VAL A 67 42.76 -64.13 30.71
N THR A 68 43.69 -63.19 30.86
CA THR A 68 43.75 -62.04 29.94
C THR A 68 44.27 -62.53 28.57
N LEU A 69 43.78 -61.92 27.50
CA LEU A 69 44.28 -62.11 26.14
C LEU A 69 44.45 -60.69 25.62
N ARG A 70 45.58 -60.42 24.92
CA ARG A 70 45.97 -59.03 24.60
C ARG A 70 46.71 -58.83 23.25
N ASN A 71 46.49 -57.62 22.71
CA ASN A 71 46.84 -57.22 21.34
C ASN A 71 46.78 -58.36 20.30
N LEU A 72 45.73 -59.16 20.37
CA LEU A 72 45.49 -60.22 19.40
C LEU A 72 44.50 -59.73 18.36
N VAL A 73 44.35 -60.51 17.30
CA VAL A 73 43.40 -60.27 16.23
C VAL A 73 43.04 -61.66 15.71
N ILE A 74 41.92 -62.20 16.20
CA ILE A 74 41.50 -63.59 15.95
C ILE A 74 40.51 -63.70 14.79
N LYS A 75 41.03 -64.04 13.60
CA LYS A 75 40.19 -64.63 12.54
C LYS A 75 39.60 -65.94 13.10
N GLY A 76 38.37 -66.24 12.74
CA GLY A 76 37.66 -67.37 13.33
C GLY A 76 37.08 -67.08 14.72
N ASP A 77 36.50 -68.13 15.32
CA ASP A 77 35.73 -68.02 16.57
C ASP A 77 36.53 -67.80 17.87
N LEU A 78 35.81 -67.32 18.89
CA LEU A 78 36.25 -67.32 20.28
C LEU A 78 35.17 -68.06 21.09
N LEU A 79 35.57 -69.10 21.83
CA LEU A 79 34.67 -69.82 22.77
C LEU A 79 35.10 -69.48 24.22
N LEU A 80 34.16 -69.52 25.18
CA LEU A 80 34.45 -69.30 26.60
C LEU A 80 34.00 -70.40 27.57
N SER A 81 33.24 -71.39 27.11
CA SER A 81 33.01 -72.67 27.84
C SER A 81 32.50 -72.61 29.30
N GLU A 82 31.87 -73.70 29.71
CA GLU A 82 31.38 -73.79 31.09
C GLU A 82 32.53 -73.85 32.12
N GLY A 83 33.73 -74.17 31.66
CA GLY A 83 34.94 -74.16 32.49
C GLY A 83 35.41 -72.81 33.00
N VAL A 84 34.97 -71.71 32.37
CA VAL A 84 35.26 -70.37 32.92
C VAL A 84 34.48 -70.15 34.21
N GLY A 85 33.33 -70.80 34.35
CA GLY A 85 32.67 -70.95 35.66
C GLY A 85 32.05 -69.67 36.23
N SER A 86 32.55 -69.23 37.41
CA SER A 86 32.17 -67.97 38.11
C SER A 86 33.22 -66.86 38.05
N GLY A 87 34.22 -67.02 37.19
CA GLY A 87 35.39 -66.17 37.21
C GLY A 87 35.57 -65.30 36.00
N ASP A 88 36.56 -64.42 36.13
CA ASP A 88 36.87 -63.40 35.15
C ASP A 88 37.53 -63.90 33.86
N VAL A 89 37.53 -63.02 32.86
CA VAL A 89 38.27 -63.20 31.59
C VAL A 89 38.37 -61.79 31.01
N THR A 90 39.55 -61.19 30.95
CA THR A 90 39.70 -59.84 30.33
C THR A 90 40.14 -60.01 28.85
N LEU A 91 39.86 -59.00 28.00
CA LEU A 91 40.26 -59.00 26.58
C LEU A 91 40.69 -57.57 26.25
N ASP A 92 42.00 -57.35 26.11
CA ASP A 92 42.55 -56.00 25.85
C ASP A 92 42.96 -55.88 24.38
N LYS A 93 42.57 -54.77 23.74
CA LYS A 93 42.72 -54.53 22.29
C LYS A 93 42.77 -55.85 21.47
N VAL A 94 41.73 -56.69 21.66
CA VAL A 94 41.51 -57.93 20.86
C VAL A 94 40.63 -57.60 19.62
N SER A 95 40.56 -58.53 18.68
CA SER A 95 39.61 -58.49 17.57
C SER A 95 39.08 -59.89 17.34
N VAL A 96 37.78 -60.01 17.08
CA VAL A 96 37.20 -61.29 16.66
C VAL A 96 36.43 -61.08 15.36
N HIS A 97 37.05 -61.54 14.29
CA HIS A 97 36.45 -61.50 12.96
C HIS A 97 35.29 -62.53 12.87
N GLY A 98 35.40 -63.65 13.61
CA GLY A 98 34.37 -64.69 13.69
C GLY A 98 33.44 -64.49 14.89
N LEU A 99 32.91 -65.59 15.42
CA LEU A 99 31.87 -65.56 16.45
C LEU A 99 32.37 -65.69 17.89
N THR A 100 32.07 -64.71 18.74
CA THR A 100 32.23 -64.86 20.21
C THR A 100 31.05 -65.63 20.82
N THR A 101 31.33 -66.51 21.77
CA THR A 101 30.29 -67.33 22.39
C THR A 101 30.54 -67.52 23.92
N VAL A 102 30.00 -66.58 24.69
CA VAL A 102 30.13 -66.58 26.15
C VAL A 102 29.19 -67.65 26.82
N SER A 103 29.78 -68.78 27.23
CA SER A 103 29.05 -69.87 27.91
C SER A 103 29.46 -70.00 29.39
N GLY A 104 30.26 -69.03 29.86
CA GLY A 104 30.75 -69.00 31.25
C GLY A 104 31.28 -67.66 31.70
N GLY A 105 31.43 -67.53 33.01
CA GLY A 105 31.74 -66.26 33.65
C GLY A 105 30.72 -66.01 34.73
N GLY A 106 31.10 -65.21 35.71
CA GLY A 106 30.16 -64.76 36.73
C GLY A 106 29.95 -63.27 36.60
N GLU A 107 29.38 -62.71 37.67
CA GLU A 107 28.89 -61.33 37.70
C GLU A 107 29.90 -60.29 38.20
N ASN A 108 31.02 -60.72 38.81
CA ASN A 108 31.83 -59.85 39.67
C ASN A 108 33.13 -59.48 39.01
N SER B 1 33.47 -62.63 35.34
CA SER B 1 33.04 -61.59 34.37
C SER B 1 34.01 -61.39 33.21
N VAL B 2 33.45 -60.96 32.08
CA VAL B 2 34.17 -60.79 30.85
C VAL B 2 34.24 -59.33 30.48
N HIS B 3 35.46 -58.82 30.36
CA HIS B 3 35.73 -57.43 30.06
C HIS B 3 36.22 -57.39 28.62
N MET B 4 35.71 -56.42 27.87
CA MET B 4 36.00 -56.25 26.46
C MET B 4 36.51 -54.81 26.41
N ASN B 5 37.83 -54.70 26.63
CA ASN B 5 38.50 -53.41 26.74
C ASN B 5 39.07 -53.05 25.38
N ASP B 6 38.97 -51.77 25.02
CA ASP B 6 39.23 -51.22 23.66
C ASP B 6 39.34 -52.29 22.55
N SER B 7 38.41 -53.26 22.56
CA SER B 7 38.47 -54.47 21.72
C SER B 7 37.53 -54.31 20.52
N VAL B 8 37.49 -55.34 19.69
CA VAL B 8 36.50 -55.48 18.63
C VAL B 8 35.97 -56.90 18.73
N ILE B 9 34.65 -57.00 18.90
CA ILE B 9 33.94 -58.27 18.83
C ILE B 9 32.82 -58.14 17.79
N GLY B 10 32.48 -59.28 17.19
CA GLY B 10 31.40 -59.33 16.21
C GLY B 10 30.16 -59.81 16.93
N VAL B 11 29.44 -60.68 16.24
CA VAL B 11 28.26 -61.31 16.81
C VAL B 11 28.70 -62.05 18.08
N VAL B 12 27.84 -62.02 19.10
CA VAL B 12 28.06 -62.67 20.40
C VAL B 12 26.85 -63.52 20.71
N TYR B 13 27.04 -64.76 21.11
CA TYR B 13 25.93 -65.65 21.50
C TYR B 13 26.10 -66.07 22.96
N VAL B 14 25.07 -65.91 23.76
CA VAL B 14 25.17 -66.17 25.18
C VAL B 14 24.20 -67.29 25.48
N ASP B 15 24.72 -68.45 25.87
CA ASP B 15 23.91 -69.55 26.43
C ASP B 15 24.37 -69.93 27.82
N LYS B 16 24.88 -68.95 28.55
CA LYS B 16 25.22 -69.12 29.95
C LYS B 16 24.04 -69.67 30.74
N LYS B 17 24.29 -70.71 31.50
CA LYS B 17 23.25 -71.38 32.27
C LYS B 17 23.21 -70.85 33.71
N ASP B 18 22.02 -70.90 34.30
CA ASP B 18 21.77 -70.79 35.76
C ASP B 18 21.97 -69.45 36.47
N THR B 19 23.11 -68.79 36.29
CA THR B 19 23.30 -67.42 36.79
C THR B 19 24.06 -66.62 35.77
N PRO B 20 23.90 -65.30 35.84
CA PRO B 20 24.39 -64.54 34.71
C PRO B 20 25.91 -64.38 34.61
N VAL B 21 26.40 -64.31 33.38
CA VAL B 21 27.67 -63.71 33.07
C VAL B 21 27.46 -62.22 32.96
N ARG B 22 28.35 -61.45 33.59
CA ARG B 22 28.43 -60.01 33.31
C ARG B 22 29.42 -59.79 32.15
N ILE B 23 29.02 -59.05 31.12
CA ILE B 23 29.87 -58.74 30.00
C ILE B 23 30.00 -57.25 29.94
N VAL B 24 31.24 -56.75 29.94
CA VAL B 24 31.47 -55.36 30.01
C VAL B 24 32.20 -54.92 28.76
N ALA B 25 31.95 -53.67 28.34
CA ALA B 25 32.60 -53.07 27.22
C ALA B 25 33.19 -51.74 27.69
N LYS B 26 34.54 -51.65 27.55
CA LYS B 26 35.33 -50.52 28.06
C LYS B 26 36.10 -49.72 26.99
N GLY B 27 36.03 -48.41 27.10
CA GLY B 27 36.77 -47.52 26.22
C GLY B 27 36.35 -47.55 24.76
N SER B 28 37.30 -47.86 23.89
CA SER B 28 37.04 -47.91 22.45
C SER B 28 36.48 -49.25 21.98
N ALA B 29 35.89 -50.04 22.88
CA ALA B 29 35.32 -51.31 22.51
C ALA B 29 34.11 -51.16 21.57
N LYS B 30 33.78 -52.29 20.95
CA LYS B 30 33.02 -52.42 19.72
C LYS B 30 32.41 -53.83 19.72
N VAL B 31 31.08 -53.94 19.78
CA VAL B 31 30.46 -55.27 19.86
C VAL B 31 29.39 -55.35 18.79
N GLY B 32 29.30 -56.53 18.19
CA GLY B 32 28.28 -56.82 17.20
C GLY B 32 26.98 -57.08 17.90
N GLU B 33 26.12 -57.84 17.24
CA GLU B 33 24.81 -58.18 17.75
C GLU B 33 24.99 -59.20 18.87
N VAL B 34 24.41 -58.92 20.05
CA VAL B 34 24.33 -59.90 21.13
C VAL B 34 23.04 -60.74 21.10
N ILE B 35 23.14 -62.05 20.99
CA ILE B 35 21.99 -62.93 20.91
C ILE B 35 21.97 -63.63 22.21
N ILE B 36 20.85 -63.51 22.92
CA ILE B 36 20.72 -64.00 24.28
C ILE B 36 19.85 -65.24 24.35
N ALA B 37 20.53 -66.33 24.76
CA ALA B 37 19.88 -67.61 25.05
C ALA B 37 20.26 -68.03 26.47
N GLY B 38 20.71 -67.08 27.28
CA GLY B 38 20.85 -67.34 28.69
C GLY B 38 20.95 -66.10 29.53
N SER B 39 21.34 -66.31 30.78
CA SER B 39 21.42 -65.29 31.78
C SER B 39 22.69 -64.49 31.58
N VAL B 40 22.52 -63.17 31.68
CA VAL B 40 23.54 -62.24 31.24
C VAL B 40 23.32 -60.80 31.80
N LYS B 41 24.40 -60.02 31.88
CA LYS B 41 24.31 -58.60 32.13
C LYS B 41 25.28 -57.86 31.23
N LEU B 42 24.78 -57.06 30.30
CA LEU B 42 25.63 -56.24 29.45
C LEU B 42 25.78 -54.96 30.19
N GLU B 43 27.03 -54.50 30.21
CA GLU B 43 27.41 -53.25 30.83
C GLU B 43 28.41 -52.49 29.97
N GLU B 44 28.21 -51.18 29.86
CA GLU B 44 29.12 -50.35 29.15
C GLU B 44 29.70 -49.37 30.17
N THR B 45 31.01 -49.51 30.45
CA THR B 45 31.71 -48.60 31.39
C THR B 45 32.92 -47.86 30.78
N ASP B 46 32.97 -46.54 31.04
CA ASP B 46 34.03 -45.65 30.55
C ASP B 46 34.19 -45.97 29.08
N LEU B 47 33.13 -45.65 28.32
CA LEU B 47 32.99 -46.06 26.92
C LEU B 47 33.13 -44.83 26.07
N THR B 48 34.18 -44.88 25.24
CA THR B 48 34.50 -43.87 24.23
C THR B 48 34.02 -44.27 22.82
N GLY B 49 34.10 -45.58 22.52
CA GLY B 49 33.56 -46.19 21.30
C GLY B 49 32.04 -46.35 21.33
N THR B 50 31.54 -47.30 20.55
CA THR B 50 30.09 -47.48 20.44
C THR B 50 29.60 -48.70 21.24
N GLY B 51 30.47 -49.68 21.47
CA GLY B 51 30.17 -50.81 22.34
C GLY B 51 29.12 -51.76 21.80
N PHE B 52 28.04 -51.98 22.59
CA PHE B 52 26.93 -52.82 22.15
C PHE B 52 25.98 -52.03 21.29
N GLU B 53 25.27 -52.76 20.41
CA GLU B 53 24.20 -52.10 19.62
C GLU B 53 22.89 -52.88 19.63
N LYS B 54 22.81 -53.92 18.81
CA LYS B 54 21.63 -54.73 18.72
C LYS B 54 21.70 -55.89 19.74
N VAL B 55 20.56 -56.15 20.36
CA VAL B 55 20.42 -57.21 21.31
C VAL B 55 19.09 -57.90 21.04
N VAL B 56 19.08 -59.24 21.09
CA VAL B 56 17.88 -60.03 20.83
C VAL B 56 17.84 -61.08 21.89
N LEU B 57 16.71 -61.25 22.57
CA LEU B 57 16.47 -62.36 23.48
C LEU B 57 15.75 -63.38 22.64
N LYS B 58 16.37 -64.54 22.41
CA LYS B 58 15.82 -65.52 21.43
C LYS B 58 14.98 -66.53 22.09
N ASP B 59 14.26 -67.33 21.27
CA ASP B 59 13.33 -68.33 21.83
C ASP B 59 14.07 -69.43 22.68
N LEU B 60 15.39 -69.58 22.50
CA LEU B 60 16.22 -70.53 23.29
C LEU B 60 16.42 -70.07 24.78
N LEU B 61 16.17 -68.77 25.06
CA LEU B 61 16.18 -68.22 26.43
C LEU B 61 15.41 -69.10 27.42
N PRO B 62 16.08 -69.60 28.48
CA PRO B 62 15.34 -70.49 29.40
C PRO B 62 14.38 -69.75 30.31
N ALA B 63 13.43 -70.50 30.85
CA ALA B 63 12.52 -69.96 31.83
C ALA B 63 13.32 -69.33 33.00
N ASN B 64 12.76 -68.26 33.59
CA ASN B 64 13.38 -67.43 34.66
C ASN B 64 14.82 -67.02 34.43
N ALA B 65 15.29 -66.93 33.18
CA ALA B 65 16.63 -66.43 32.92
C ALA B 65 16.72 -64.92 33.35
N LYS B 66 17.87 -64.46 33.86
CA LYS B 66 18.05 -63.09 34.27
C LYS B 66 18.79 -62.36 33.19
N VAL B 67 18.17 -61.31 32.67
CA VAL B 67 18.76 -60.61 31.53
C VAL B 67 18.74 -59.16 31.88
N THR B 68 19.90 -58.55 31.99
CA THR B 68 19.92 -57.11 32.26
C THR B 68 20.90 -56.32 31.45
N LEU B 69 20.50 -55.09 31.13
CA LEU B 69 21.20 -54.20 30.21
C LEU B 69 21.49 -52.89 30.89
N SER B 70 22.73 -52.43 30.68
CA SER B 70 23.19 -51.09 31.06
C SER B 70 24.05 -50.61 29.96
N GLY B 71 23.74 -49.44 29.43
CA GLY B 71 24.41 -48.94 28.26
C GLY B 71 23.46 -48.28 27.29
N SER B 72 24.01 -47.93 26.12
CA SER B 72 23.31 -47.22 25.02
C SER B 72 23.10 -48.22 23.90
N PHE B 73 21.83 -48.59 23.62
CA PHE B 73 21.55 -49.66 22.68
C PHE B 73 20.72 -49.13 21.51
N THR B 74 20.72 -49.88 20.43
CA THR B 74 19.94 -49.45 19.25
C THR B 74 18.58 -50.16 19.31
N ASP B 75 18.54 -51.39 18.80
CA ASP B 75 17.36 -52.18 18.70
C ASP B 75 17.55 -53.26 19.70
N VAL B 76 16.55 -53.39 20.56
CA VAL B 76 16.54 -54.47 21.52
C VAL B 76 15.21 -55.14 21.35
N ASP B 77 15.28 -56.45 21.21
CA ASP B 77 14.20 -57.28 20.80
C ASP B 77 13.94 -58.42 21.74
N VAL B 78 12.73 -58.50 22.30
CA VAL B 78 12.39 -59.56 23.22
C VAL B 78 11.49 -60.47 22.41
N ALA B 79 12.01 -61.66 22.07
CA ALA B 79 11.39 -62.59 21.13
C ALA B 79 11.54 -64.00 21.72
N ALA B 80 10.98 -64.19 22.91
CA ALA B 80 11.29 -65.38 23.68
C ALA B 80 10.03 -65.78 24.40
N SER B 81 9.55 -66.99 24.12
CA SER B 81 8.27 -67.50 24.72
C SER B 81 8.33 -67.89 26.19
N ALA B 82 9.53 -68.03 26.76
CA ALA B 82 9.65 -68.52 28.15
C ALA B 82 9.43 -67.39 29.20
N ASN B 83 8.26 -66.73 29.14
CA ASN B 83 7.88 -65.66 30.10
C ASN B 83 9.07 -64.71 30.45
N PRO B 84 9.60 -64.05 29.41
CA PRO B 84 10.84 -63.34 29.55
C PRO B 84 10.66 -62.07 30.42
N GLN B 85 11.68 -61.74 31.22
CA GLN B 85 11.85 -60.45 31.82
C GLN B 85 13.15 -59.84 31.33
N LEU B 86 13.07 -58.59 30.86
CA LEU B 86 14.20 -57.73 30.49
C LEU B 86 14.30 -56.66 31.56
N ASN B 87 15.46 -56.65 32.24
CA ASN B 87 15.82 -55.54 33.17
C ASN B 87 16.70 -54.57 32.43
N VAL B 88 16.32 -53.30 32.43
CA VAL B 88 17.17 -52.30 31.88
C VAL B 88 17.49 -51.40 33.08
N ASN B 89 18.75 -51.42 33.45
CA ASN B 89 19.22 -50.79 34.69
C ASN B 89 19.76 -49.41 34.51
N SER B 90 20.30 -49.12 33.31
CA SER B 90 20.74 -47.75 33.02
C SER B 90 20.91 -47.52 31.52
N GLY B 91 20.81 -46.27 31.12
CA GLY B 91 21.19 -45.89 29.77
C GLY B 91 19.97 -45.73 28.89
N THR B 92 20.12 -46.10 27.62
CA THR B 92 19.19 -45.72 26.56
C THR B 92 18.99 -46.88 25.59
N ILE B 93 17.79 -46.95 25.00
CA ILE B 93 17.45 -47.94 23.97
C ILE B 93 16.66 -47.16 22.93
N GLU B 94 17.10 -47.22 21.68
CA GLU B 94 16.33 -46.51 20.59
C GLU B 94 14.98 -47.16 20.34
N ARG B 95 14.99 -48.44 20.16
CA ARG B 95 13.76 -49.12 19.83
CA ARG B 95 13.78 -49.19 19.78
C ARG B 95 13.74 -50.44 20.58
N LEU B 96 12.76 -50.58 21.45
CA LEU B 96 12.65 -51.81 22.18
C LEU B 96 11.37 -52.41 21.68
N THR B 97 11.40 -53.70 21.35
CA THR B 97 10.27 -54.36 20.74
C THR B 97 10.00 -55.62 21.47
N VAL B 98 8.73 -55.83 21.87
CA VAL B 98 8.35 -57.02 22.55
C VAL B 98 7.47 -57.79 21.56
N ALA B 99 7.93 -58.97 21.18
CA ALA B 99 7.30 -59.76 20.11
C ALA B 99 6.09 -60.49 20.61
N ALA B 100 5.26 -60.89 19.64
CA ALA B 100 4.01 -61.59 19.86
C ALA B 100 4.23 -62.90 20.54
N SER B 101 5.40 -63.48 20.33
CA SER B 101 5.74 -64.71 21.04
C SER B 101 6.00 -64.59 22.57
N SER B 102 6.22 -63.37 23.09
CA SER B 102 6.84 -63.22 24.43
C SER B 102 5.79 -63.15 25.50
N LYS B 103 5.14 -64.28 25.67
CA LYS B 103 3.97 -64.38 26.54
C LYS B 103 4.32 -63.91 27.97
N ASP B 104 3.46 -63.08 28.55
CA ASP B 104 3.67 -62.55 29.93
C ASP B 104 4.96 -61.79 30.08
N ALA B 105 5.46 -61.24 28.99
CA ALA B 105 6.68 -60.42 29.03
C ALA B 105 6.65 -59.36 30.18
N VAL B 106 7.79 -59.13 30.85
CA VAL B 106 7.88 -58.00 31.81
C VAL B 106 9.10 -57.24 31.45
N ILE B 107 8.96 -55.90 31.43
CA ILE B 107 10.04 -55.03 31.08
C ILE B 107 10.19 -54.12 32.31
N VAL B 108 11.39 -54.12 32.91
CA VAL B 108 11.64 -53.29 34.15
C VAL B 108 12.60 -52.20 33.75
N LEU B 109 12.12 -50.94 33.78
CA LEU B 109 12.94 -49.84 33.35
C LEU B 109 13.29 -49.05 34.58
N ALA B 110 14.59 -49.04 34.91
CA ALA B 110 15.11 -48.35 36.11
C ALA B 110 14.97 -46.84 35.89
N SER B 111 14.95 -46.06 36.97
CA SER B 111 14.66 -44.64 36.91
C SER B 111 15.50 -43.84 35.97
N GLY B 112 16.77 -44.12 35.80
CA GLY B 112 17.35 -43.14 34.77
C GLY B 112 17.23 -43.53 33.24
N VAL B 113 16.57 -44.66 32.98
CA VAL B 113 16.59 -45.24 31.66
C VAL B 113 15.67 -44.47 30.74
N LYS B 114 16.04 -44.32 29.47
CA LYS B 114 15.16 -43.74 28.45
CA LYS B 114 15.12 -43.74 28.44
C LYS B 114 15.05 -44.67 27.20
N VAL B 115 13.82 -45.18 26.97
CA VAL B 115 13.52 -45.93 25.77
C VAL B 115 12.84 -44.92 24.83
N THR B 116 13.44 -44.62 23.67
CA THR B 116 12.77 -43.61 22.80
C THR B 116 11.42 -44.15 22.20
N THR B 117 11.49 -45.38 21.69
CA THR B 117 10.33 -46.10 21.11
C THR B 117 10.17 -47.49 21.68
N LEU B 118 9.01 -47.73 22.25
CA LEU B 118 8.70 -49.06 22.75
C LEU B 118 7.49 -49.60 21.92
N THR B 119 7.66 -50.75 21.27
CA THR B 119 6.63 -51.38 20.43
C THR B 119 6.17 -52.67 21.07
N LEU B 120 4.87 -52.75 21.35
CA LEU B 120 4.29 -53.87 22.02
C LEU B 120 3.35 -54.72 21.11
N ASN B 121 3.68 -56.02 21.02
CA ASN B 121 2.97 -56.99 20.18
C ASN B 121 2.46 -58.12 20.99
N ILE B 122 2.53 -57.99 22.31
CA ILE B 122 1.99 -58.94 23.28
C ILE B 122 1.66 -58.13 24.58
N LYS B 123 0.69 -58.55 25.35
CA LYS B 123 0.34 -57.86 26.61
C LYS B 123 1.57 -57.92 27.54
N THR B 124 2.05 -56.72 27.86
CA THR B 124 3.33 -56.55 28.53
CA THR B 124 3.34 -56.54 28.52
C THR B 124 3.16 -55.73 29.77
N GLN B 125 3.87 -56.13 30.81
CA GLN B 125 3.92 -55.31 32.03
C GLN B 125 5.22 -54.51 32.04
N ILE B 126 5.12 -53.19 32.06
CA ILE B 126 6.28 -52.33 32.07
C ILE B 126 6.30 -51.69 33.47
N LYS B 127 7.43 -51.88 34.13
CA LYS B 127 7.61 -51.53 35.54
C LYS B 127 8.75 -50.56 35.65
N GLY B 128 8.69 -49.82 36.74
CA GLY B 128 9.76 -48.98 37.18
C GLY B 128 9.48 -47.56 36.75
N GLN B 129 10.43 -46.68 37.08
CA GLN B 129 10.33 -45.24 36.94
C GLN B 129 11.06 -44.74 35.72
N GLY B 130 11.77 -45.64 35.04
CA GLY B 130 12.27 -45.38 33.70
C GLY B 130 11.24 -44.79 32.68
N SER B 131 11.75 -44.17 31.63
CA SER B 131 10.95 -43.36 30.73
C SER B 131 10.86 -44.02 29.31
N VAL B 132 9.70 -43.86 28.70
CA VAL B 132 9.40 -44.33 27.34
C VAL B 132 8.91 -43.08 26.58
N GLY B 133 9.61 -42.67 25.53
CA GLY B 133 9.14 -41.46 24.80
C GLY B 133 7.87 -41.74 23.99
N THR B 134 7.82 -42.87 23.23
CA THR B 134 6.55 -43.25 22.49
C THR B 134 6.28 -44.74 22.62
N ALA B 135 5.09 -45.11 23.15
CA ALA B 135 4.71 -46.50 23.25
C ALA B 135 3.81 -46.75 22.01
N VAL B 136 4.19 -47.72 21.19
CA VAL B 136 3.46 -48.15 19.96
C VAL B 136 2.79 -49.45 20.36
N VAL B 137 1.53 -49.34 20.64
CA VAL B 137 0.76 -50.46 21.19
C VAL B 137 -0.09 -51.05 20.00
N ASN B 138 0.48 -52.06 19.36
CA ASN B 138 -0.25 -52.79 18.31
C ASN B 138 -1.25 -53.67 18.93
N LEU B 139 -2.09 -54.34 18.11
CA LEU B 139 -3.19 -55.10 18.65
C LEU B 139 -2.78 -56.07 19.67
N GLY B 140 -1.67 -56.74 19.45
CA GLY B 140 -1.24 -57.78 20.42
C GLY B 140 -0.82 -57.20 21.77
N GLY B 141 -0.51 -55.90 21.81
CA GLY B 141 -0.16 -55.21 23.05
C GLY B 141 -1.29 -54.71 23.89
N LYS B 142 -2.51 -55.03 23.42
CA LYS B 142 -3.71 -54.60 24.07
C LYS B 142 -3.66 -54.93 25.57
N GLY B 143 -4.04 -53.99 26.41
CA GLY B 143 -4.12 -54.24 27.85
C GLY B 143 -2.74 -54.18 28.54
N SER B 144 -1.70 -53.75 27.85
CA SER B 144 -0.40 -53.56 28.49
C SER B 144 -0.50 -52.50 29.63
N SER B 145 0.39 -52.61 30.59
CA SER B 145 0.44 -51.70 31.76
C SER B 145 1.82 -51.07 31.95
N PHE B 146 1.78 -49.80 32.32
CA PHE B 146 2.98 -49.02 32.61
C PHE B 146 2.88 -48.47 34.05
N GLU B 147 3.90 -48.72 34.86
CA GLU B 147 3.92 -48.09 36.23
C GLU B 147 4.11 -46.59 36.06
N SER B 148 4.93 -46.17 35.11
CA SER B 148 4.96 -44.75 34.78
CA SER B 148 5.02 -44.75 34.76
C SER B 148 4.62 -44.54 33.31
N ALA B 149 3.68 -43.63 33.09
CA ALA B 149 3.11 -43.38 31.78
C ALA B 149 4.16 -43.06 30.76
N PRO B 150 4.04 -43.64 29.54
CA PRO B 150 4.89 -43.22 28.41
C PRO B 150 4.60 -41.78 28.04
N GLY B 151 5.55 -41.10 27.39
CA GLY B 151 5.35 -39.68 27.01
C GLY B 151 4.27 -39.50 25.98
N LYS B 152 4.31 -40.30 24.91
CA LYS B 152 3.16 -40.43 23.95
C LYS B 152 2.85 -41.91 23.68
N THR B 153 1.59 -42.21 23.38
CA THR B 153 1.17 -43.58 23.01
C THR B 153 0.54 -43.51 21.60
N GLU B 154 0.95 -44.43 20.75
CA GLU B 154 0.37 -44.59 19.42
C GLU B 154 -0.11 -46.07 19.24
N GLY B 155 -0.68 -46.36 18.07
CA GLY B 155 -1.00 -47.73 17.64
C GLY B 155 -2.42 -48.02 17.90
N ILE B 156 -2.93 -49.09 17.28
CA ILE B 156 -4.36 -49.38 17.31
C ILE B 156 -4.93 -49.66 18.67
N ALA B 157 -4.15 -50.20 19.60
CA ALA B 157 -4.69 -50.56 20.91
C ALA B 157 -4.25 -49.52 22.05
N LYS B 158 -3.85 -48.33 21.64
CA LYS B 158 -3.46 -47.19 22.50
C LYS B 158 -4.27 -47.06 23.72
N ASP B 159 -5.61 -47.05 23.52
CA ASP B 159 -6.58 -46.68 24.54
C ASP B 159 -6.85 -47.76 25.54
N SER B 160 -6.32 -48.95 25.25
CA SER B 160 -6.41 -50.06 26.19
C SER B 160 -5.35 -50.14 27.30
N VAL B 161 -4.32 -49.36 27.22
CA VAL B 161 -3.21 -49.55 28.17
C VAL B 161 -3.58 -48.84 29.48
N THR B 162 -3.08 -49.38 30.59
CA THR B 162 -3.22 -48.75 31.90
C THR B 162 -1.89 -48.11 32.35
N THR B 163 -2.02 -47.04 33.11
CA THR B 163 -0.87 -46.31 33.62
C THR B 163 -0.98 -45.90 35.11
N GLY B 164 0.17 -45.49 35.68
CA GLY B 164 0.22 -44.80 37.00
C GLY B 164 -0.05 -45.87 38.02
N GLY B 165 -0.23 -45.49 39.29
CA GLY B 165 -0.68 -46.47 40.30
C GLY B 165 -2.11 -46.98 40.06
N SER B 166 -2.72 -47.44 41.15
CA SER B 166 -4.18 -47.64 41.20
C SER B 166 -4.97 -46.28 41.07
N PHE B 167 -4.33 -45.12 41.31
CA PHE B 167 -5.01 -43.82 41.14
C PHE B 167 -5.36 -43.66 39.67
N GLY B 168 -4.39 -43.95 38.77
CA GLY B 168 -4.50 -43.70 37.30
C GLY B 168 -3.35 -42.75 36.94
N GLY B 169 -2.77 -42.94 35.76
CA GLY B 169 -1.57 -42.19 35.31
C GLY B 169 -1.24 -40.84 35.94
N GLY B 170 -0.14 -40.76 36.67
CA GLY B 170 0.33 -39.49 37.28
C GLY B 170 -0.01 -39.37 38.75
N GLY B 171 -1.00 -40.17 39.20
CA GLY B 171 -1.29 -40.35 40.62
C GLY B 171 -2.02 -39.21 41.30
N TYR B 172 -2.18 -39.36 42.62
CA TYR B 172 -2.94 -38.44 43.47
C TYR B 172 -2.48 -36.95 43.37
N GLY B 173 -1.27 -36.73 42.87
CA GLY B 173 -0.88 -35.47 42.23
C GLY B 173 -1.14 -34.17 42.99
N GLY B 174 -1.32 -34.23 44.31
CA GLY B 174 -1.88 -33.11 45.08
C GLY B 174 -1.41 -32.91 46.51
N GLY B 175 -0.76 -31.77 46.85
CA GLY B 175 -0.65 -30.54 46.02
C GLY B 175 0.51 -30.48 44.99
N SER B 176 1.23 -29.36 44.86
CA SER B 176 0.86 -27.99 45.26
C SER B 176 1.48 -27.10 44.11
N GLY B 177 2.14 -25.95 44.32
CA GLY B 177 2.35 -25.26 45.59
C GLY B 177 2.47 -23.78 45.40
N SER B 178 2.09 -23.05 46.47
CA SER B 178 1.67 -21.61 46.47
C SER B 178 1.78 -20.79 45.17
N SER B 179 0.84 -21.05 44.26
CA SER B 179 0.50 -20.15 43.13
C SER B 179 -0.11 -18.83 43.66
N SER B 180 -0.34 -17.88 42.77
CA SER B 180 -0.89 -16.57 43.16
C SER B 180 -0.83 -15.54 42.05
N ASN B 181 0.29 -15.49 41.33
CA ASN B 181 0.67 -14.33 40.50
C ASN B 181 -0.24 -14.04 39.30
N PRO B 182 -0.41 -12.72 38.98
CA PRO B 182 -1.07 -12.36 37.72
C PRO B 182 -0.19 -12.68 36.50
N VAL B 183 -0.66 -13.64 35.70
CA VAL B 183 -0.05 -14.02 34.43
C VAL B 183 -0.98 -13.52 33.32
N VAL B 184 -0.42 -12.91 32.27
CA VAL B 184 -1.15 -12.55 31.02
C VAL B 184 -0.77 -13.46 29.87
N LYS B 185 -1.71 -14.25 29.34
CA LYS B 185 -1.55 -15.00 28.06
C LYS B 185 -2.26 -14.34 26.84
N LEU B 186 -1.49 -14.02 25.79
CA LEU B 186 -2.04 -13.50 24.51
C LEU B 186 -2.77 -14.60 23.74
N ILE B 187 -4.02 -14.37 23.37
CA ILE B 187 -4.83 -15.33 22.55
C ILE B 187 -4.62 -15.06 21.03
N SER B 188 -4.64 -13.77 20.64
CA SER B 188 -4.78 -13.34 19.22
C SER B 188 -5.04 -11.84 19.07
N THR B 189 -4.94 -11.40 17.81
CA THR B 189 -5.21 -10.02 17.39
C THR B 189 -5.94 -10.00 16.04
N ALA B 190 -6.69 -8.93 15.81
CA ALA B 190 -7.47 -8.75 14.62
C ALA B 190 -7.61 -7.27 14.29
N SER B 191 -7.87 -7.00 13.00
CA SER B 191 -8.20 -5.64 12.52
C SER B 191 -9.55 -5.73 11.81
N ASN B 192 -10.14 -4.59 11.53
CA ASN B 192 -11.33 -4.56 10.68
C ASN B 192 -11.15 -3.48 9.63
N ASN B 193 -12.13 -3.37 8.73
CA ASN B 193 -12.15 -2.36 7.67
C ASN B 193 -11.97 -0.93 8.18
N ASP B 194 -12.50 -0.71 9.39
CA ASP B 194 -12.46 0.59 10.06
C ASP B 194 -11.10 0.92 10.70
N ARG B 195 -10.18 -0.03 10.66
CA ARG B 195 -8.86 0.17 11.16
C ARG B 195 -8.82 0.32 12.69
N GLN B 196 -9.64 -0.52 13.33
CA GLN B 196 -9.46 -0.84 14.73
C GLN B 196 -8.54 -2.01 14.94
N LEU B 197 -7.77 -1.90 16.01
CA LEU B 197 -6.97 -2.95 16.53
C LEU B 197 -7.71 -3.60 17.73
N VAL B 198 -7.81 -4.92 17.70
CA VAL B 198 -8.51 -5.67 18.72
C VAL B 198 -7.49 -6.63 19.28
N LEU B 199 -7.25 -6.53 20.61
CA LEU B 199 -6.31 -7.40 21.34
C LEU B 199 -7.04 -8.27 22.33
N LYS B 200 -6.99 -9.59 22.10
CA LYS B 200 -7.55 -10.56 23.03
C LYS B 200 -6.46 -11.30 23.77
N PHE B 201 -6.66 -11.38 25.10
CA PHE B 201 -5.77 -12.10 26.03
C PHE B 201 -6.55 -12.67 27.21
N ASN B 202 -6.08 -13.85 27.68
CA ASN B 202 -6.49 -14.44 28.97
C ASN B 202 -5.64 -13.85 30.09
N ALA B 203 -6.29 -13.13 31.03
CA ALA B 203 -5.61 -12.52 32.20
C ALA B 203 -5.98 -13.27 33.49
N TYR B 204 -5.11 -14.20 33.88
CA TYR B 204 -5.22 -14.88 35.16
C TYR B 204 -4.90 -13.86 36.26
N GLY B 205 -5.61 -13.97 37.38
CA GLY B 205 -5.55 -12.99 38.46
C GLY B 205 -6.11 -11.64 38.04
N TRP B 206 -7.23 -11.68 37.33
CA TRP B 206 -7.88 -10.45 36.90
C TRP B 206 -8.19 -9.64 38.15
N ASP B 207 -7.48 -8.53 38.36
CA ASP B 207 -7.80 -7.63 39.46
C ASP B 207 -8.22 -6.28 38.90
N ASN B 208 -9.11 -6.34 37.91
CA ASN B 208 -9.76 -5.14 37.42
C ASN B 208 -8.73 -4.02 37.11
N ASN B 209 -7.60 -4.43 36.52
CA ASN B 209 -6.62 -3.48 36.03
C ASN B 209 -5.68 -4.17 35.03
N ALA B 210 -5.19 -3.33 34.12
CA ALA B 210 -4.21 -3.71 33.11
C ALA B 210 -3.83 -2.48 32.32
N THR B 211 -2.65 -2.59 31.72
CA THR B 211 -2.02 -1.47 31.03
C THR B 211 -1.43 -1.96 29.65
N ILE B 212 -1.84 -1.28 28.57
CA ILE B 212 -1.47 -1.65 27.20
C ILE B 212 -0.75 -0.46 26.60
N VAL B 213 0.44 -0.71 26.04
CA VAL B 213 1.14 0.34 25.27
C VAL B 213 1.20 -0.07 23.77
N LEU B 214 0.80 0.84 22.89
CA LEU B 214 0.76 0.60 21.44
C LEU B 214 1.83 1.44 20.83
N THR B 215 2.62 0.86 19.95
CA THR B 215 3.54 1.64 19.15
C THR B 215 3.04 1.62 17.70
N SER B 216 2.71 2.81 17.20
CA SER B 216 2.34 3.04 15.81
C SER B 216 3.49 2.65 14.85
N PRO B 217 3.17 2.51 13.55
CA PRO B 217 4.24 2.14 12.60
C PRO B 217 5.20 3.27 12.43
N ALA B 218 4.71 4.49 12.60
CA ALA B 218 5.54 5.68 12.59
C ALA B 218 6.22 6.04 13.96
N GLY B 219 6.25 5.10 14.91
CA GLY B 219 6.89 5.27 16.22
C GLY B 219 6.11 5.91 17.39
N LYS B 220 4.92 6.45 17.20
CA LYS B 220 4.16 7.04 18.34
C LYS B 220 3.79 5.98 19.36
N GLN B 221 4.32 6.14 20.58
CA GLN B 221 3.96 5.34 21.77
C GLN B 221 2.61 5.78 22.31
N THR B 222 1.77 4.85 22.74
CA THR B 222 0.46 5.23 23.24
C THR B 222 0.01 4.25 24.32
N THR B 223 -0.61 4.75 25.38
CA THR B 223 -0.92 3.90 26.55
C THR B 223 -2.41 3.89 26.88
N TYR B 224 -2.87 2.70 27.27
CA TYR B 224 -4.23 2.46 27.63
C TYR B 224 -4.28 1.63 28.94
N THR B 225 -5.14 2.06 29.88
CA THR B 225 -5.30 1.36 31.18
C THR B 225 -6.76 1.04 31.45
N TYR B 226 -7.04 -0.08 32.15
CA TYR B 226 -8.42 -0.31 32.65
C TYR B 226 -8.94 0.85 33.52
N GLU B 227 -8.03 1.56 34.20
CA GLU B 227 -8.36 2.74 35.01
C GLU B 227 -8.97 3.88 34.17
N LYS B 228 -8.17 4.48 33.28
CA LYS B 228 -8.68 5.58 32.41
C LYS B 228 -9.65 5.11 31.31
N ASN B 229 -9.50 3.87 30.84
CA ASN B 229 -10.00 3.46 29.52
C ASN B 229 -10.81 2.18 29.50
N SER B 230 -11.48 1.81 30.59
CA SER B 230 -12.27 0.54 30.58
C SER B 230 -13.43 0.55 29.55
N ALA B 231 -13.81 1.75 29.06
CA ALA B 231 -14.62 1.92 27.80
C ALA B 231 -14.06 1.12 26.59
N GLN B 232 -12.74 0.99 26.49
CA GLN B 232 -12.07 0.27 25.41
C GLN B 232 -11.81 -1.18 25.79
N PHE B 233 -12.29 -1.63 26.96
CA PHE B 233 -12.07 -3.02 27.41
C PHE B 233 -13.36 -3.73 27.67
N ALA B 234 -13.32 -5.05 27.56
CA ALA B 234 -14.45 -5.93 27.86
C ALA B 234 -13.89 -7.19 28.50
N VAL B 235 -14.34 -7.49 29.73
CA VAL B 235 -13.90 -8.65 30.50
C VAL B 235 -14.95 -9.77 30.48
N SER B 236 -14.47 -10.99 30.39
CA SER B 236 -15.29 -12.16 30.64
C SER B 236 -14.55 -12.93 31.74
N ALA B 237 -14.45 -14.26 31.67
CA ALA B 237 -13.82 -15.04 32.75
C ALA B 237 -12.26 -14.82 32.73
N PRO B 238 -11.43 -15.74 32.15
CA PRO B 238 -10.09 -15.16 31.92
C PRO B 238 -10.04 -14.19 30.68
N GLU B 239 -11.01 -14.31 29.76
CA GLU B 239 -11.03 -13.54 28.49
C GLU B 239 -11.15 -12.01 28.67
N VAL B 240 -10.17 -11.25 28.18
CA VAL B 240 -10.32 -9.78 28.14
C VAL B 240 -9.88 -9.31 26.78
N THR B 241 -10.60 -8.35 26.23
CA THR B 241 -10.40 -7.91 24.84
C THR B 241 -10.28 -6.38 24.79
N PHE B 242 -9.14 -5.88 24.33
CA PHE B 242 -8.97 -4.45 24.21
C PHE B 242 -9.36 -4.02 22.78
N THR B 243 -9.99 -2.86 22.65
CA THR B 243 -10.46 -2.40 21.35
C THR B 243 -10.15 -0.93 21.18
N SER B 244 -9.20 -0.64 20.28
CA SER B 244 -8.70 0.71 19.98
C SER B 244 -9.75 1.52 19.36
N ASP B 245 -9.42 2.78 19.15
CA ASP B 245 -10.24 3.66 18.36
C ASP B 245 -10.12 3.26 16.90
N LYS B 246 -11.12 3.66 16.13
CA LYS B 246 -11.14 3.48 14.67
C LYS B 246 -10.07 4.32 14.03
N GLY B 247 -9.66 3.90 12.84
CA GLY B 247 -8.85 4.74 11.97
C GLY B 247 -7.37 4.77 12.31
N LEU B 248 -6.84 3.69 12.83
CA LEU B 248 -5.38 3.63 13.07
C LEU B 248 -4.63 3.51 11.75
N ALA B 249 -3.40 4.00 11.74
CA ALA B 249 -2.53 3.93 10.56
C ALA B 249 -2.33 2.51 10.13
N ALA B 250 -2.42 2.30 8.81
CA ALA B 250 -2.21 0.97 8.27
C ALA B 250 -0.78 0.53 8.52
N GLY B 251 -0.63 -0.79 8.73
CA GLY B 251 0.66 -1.45 8.76
C GLY B 251 0.87 -2.23 10.06
N THR B 252 2.12 -2.30 10.50
CA THR B 252 2.46 -3.15 11.66
C THR B 252 2.49 -2.34 12.98
N TRP B 253 1.63 -2.73 13.94
CA TRP B 253 1.62 -2.13 15.31
C TRP B 253 2.32 -3.07 16.28
N LEU B 254 3.06 -2.49 17.21
CA LEU B 254 3.68 -3.24 18.30
C LEU B 254 2.88 -2.96 19.56
N TYR B 255 2.57 -4.00 20.31
CA TYR B 255 1.86 -3.79 21.58
C TYR B 255 2.53 -4.52 22.77
N SER B 256 2.38 -3.93 23.96
CA SER B 256 2.67 -4.61 25.25
C SER B 256 1.43 -4.57 26.13
N VAL B 257 1.23 -5.69 26.82
CA VAL B 257 0.18 -5.83 27.81
C VAL B 257 0.77 -6.39 29.14
N LYS B 258 0.19 -5.93 30.25
CA LYS B 258 0.41 -6.49 31.60
C LYS B 258 -0.75 -6.09 32.54
N THR B 259 -1.05 -7.02 33.46
CA THR B 259 -1.98 -6.84 34.59
C THR B 259 -1.23 -6.59 35.93
N ALA B 260 -1.97 -6.27 36.98
CA ALA B 260 -1.42 -6.25 38.35
C ALA B 260 -2.48 -6.57 39.41
N LYS B 261 -2.05 -6.61 40.67
CA LYS B 261 -2.92 -6.47 41.85
C LYS B 261 -2.19 -5.62 42.87
N GLY B 262 -2.47 -4.31 42.90
CA GLY B 262 -1.78 -3.34 43.79
C GLY B 262 -0.40 -3.76 44.27
N SER B 263 0.64 -3.37 43.52
CA SER B 263 2.05 -3.77 43.74
C SER B 263 2.46 -5.01 42.91
N VAL B 264 1.87 -6.18 43.19
CA VAL B 264 2.19 -7.41 42.41
C VAL B 264 1.89 -7.22 40.89
N THR B 265 2.91 -6.70 40.18
CA THR B 265 2.82 -6.26 38.77
C THR B 265 3.31 -7.37 37.79
N SER B 266 2.45 -7.78 36.88
CA SER B 266 2.68 -9.00 36.06
C SER B 266 3.88 -8.90 35.11
N ASP B 267 4.31 -10.08 34.65
CA ASP B 267 5.21 -10.19 33.51
C ASP B 267 4.60 -9.42 32.33
N THR B 268 5.37 -8.48 31.78
CA THR B 268 5.02 -7.67 30.59
C THR B 268 5.12 -8.56 29.33
N VAL B 269 4.03 -8.74 28.59
CA VAL B 269 4.06 -9.56 27.35
C VAL B 269 3.90 -8.62 26.16
N THR B 270 4.49 -9.02 25.03
CA THR B 270 4.53 -8.20 23.81
C THR B 270 4.20 -8.98 22.53
N GLY B 271 3.83 -8.21 21.50
CA GLY B 271 3.66 -8.74 20.14
C GLY B 271 3.43 -7.68 19.08
N LYS B 272 3.13 -8.19 17.87
CA LYS B 272 2.81 -7.38 16.67
C LYS B 272 1.38 -7.64 16.26
N ALA B 273 0.65 -6.57 15.94
CA ALA B 273 -0.65 -6.66 15.27
C ALA B 273 -0.59 -5.93 13.93
N PHE B 274 -1.53 -6.25 13.07
CA PHE B 274 -1.53 -5.69 11.70
C PHE B 274 -2.84 -5.00 11.43
N VAL B 275 -2.76 -3.72 11.10
CA VAL B 275 -3.94 -2.89 10.83
C VAL B 275 -4.17 -2.90 9.30
N GLN B 276 -5.39 -3.23 8.88
CA GLN B 276 -5.75 -3.29 7.45
C GLN B 276 -5.46 -1.92 6.78
N GLY B 277 -5.48 -1.91 5.45
CA GLY B 277 -5.41 -0.66 4.69
C GLY B 277 -4.06 -0.32 4.07
N LYS B 278 -3.16 -1.25 3.98
CA LYS B 278 -1.90 -0.92 3.34
C LYS B 278 -2.09 -0.79 1.80
N ILE B 279 -1.37 0.16 1.22
CA ILE B 279 -1.30 0.30 -0.25
C ILE B 279 0.14 0.33 -0.61
N VAL B 280 0.63 -0.77 -1.18
CA VAL B 280 2.00 -0.90 -1.60
C VAL B 280 2.13 -0.52 -3.08
N SER B 281 2.72 0.64 -3.31
CA SER B 281 3.04 1.16 -4.65
C SER B 281 4.46 0.82 -5.09
N TYR B 282 4.62 -0.07 -6.05
CA TYR B 282 5.93 -0.38 -6.65
C TYR B 282 6.27 0.79 -7.54
N ILE B 283 7.53 1.25 -7.46
CA ILE B 283 8.04 2.37 -8.24
C ILE B 283 9.30 1.90 -8.92
N PRO B 284 9.41 2.07 -10.25
CA PRO B 284 10.50 1.49 -10.96
C PRO B 284 11.78 2.34 -10.85
N ALA B 285 12.89 1.65 -10.78
CA ALA B 285 14.18 2.29 -10.59
C ALA B 285 14.67 2.97 -11.84
N TRP B 286 14.08 2.61 -12.97
CA TRP B 286 14.59 2.99 -14.29
C TRP B 286 13.90 4.23 -14.80
N VAL B 287 13.00 4.82 -14.03
CA VAL B 287 12.56 6.17 -14.32
C VAL B 287 13.47 7.10 -13.51
N ASP B 288 13.77 8.24 -14.13
CA ASP B 288 14.56 9.26 -13.46
C ASP B 288 13.64 10.13 -12.70
N TRP B 289 13.48 9.83 -11.41
CA TRP B 289 12.46 10.46 -10.65
C TRP B 289 12.72 11.91 -10.41
N ALA B 290 13.99 12.36 -10.46
CA ALA B 290 14.25 13.77 -10.22
C ALA B 290 13.81 14.58 -11.43
N LYS B 291 14.04 14.08 -12.65
CA LYS B 291 13.53 14.79 -13.88
C LYS B 291 12.03 14.53 -14.21
N ASP B 292 11.36 13.67 -13.48
CA ASP B 292 9.99 13.22 -13.92
C ASP B 292 9.05 14.41 -13.84
N GLU B 293 8.16 14.51 -14.81
CA GLU B 293 7.09 15.48 -14.77
C GLU B 293 5.66 14.96 -14.61
N ARG B 294 5.49 13.64 -14.48
CA ARG B 294 4.11 13.08 -14.31
C ARG B 294 3.70 13.15 -12.85
N GLY B 295 4.68 13.14 -11.96
CA GLY B 295 4.44 13.31 -10.53
C GLY B 295 4.16 12.00 -9.75
N VAL B 296 4.27 12.13 -8.43
CA VAL B 296 4.00 11.08 -7.45
C VAL B 296 3.23 11.82 -6.36
N ASP B 297 2.00 11.38 -6.11
CA ASP B 297 1.25 11.87 -4.98
C ASP B 297 1.19 10.75 -3.99
N ALA B 298 2.17 10.76 -3.09
CA ALA B 298 2.30 9.76 -2.04
C ALA B 298 1.25 9.85 -0.96
N THR B 299 0.34 10.83 -0.99
CA THR B 299 -0.85 10.76 -0.12
C THR B 299 -1.76 9.58 -0.42
N LYS B 300 -1.62 8.97 -1.59
CA LYS B 300 -2.54 7.89 -1.99
C LYS B 300 -2.05 6.46 -1.73
N PHE B 301 -0.91 6.35 -1.05
CA PHE B 301 -0.45 5.02 -0.72
C PHE B 301 0.28 5.08 0.59
N THR B 302 0.55 3.93 1.16
CA THR B 302 1.17 3.88 2.49
C THR B 302 2.58 3.39 2.44
N HIS B 303 2.90 2.63 1.39
CA HIS B 303 4.23 2.06 1.21
C HIS B 303 4.67 2.25 -0.22
N LEU B 304 5.95 2.52 -0.41
CA LEU B 304 6.57 2.72 -1.72
C LEU B 304 7.72 1.72 -1.77
N TYR B 305 7.66 0.80 -2.73
CA TYR B 305 8.73 -0.22 -2.94
C TYR B 305 9.59 0.25 -4.12
N TYR B 306 10.90 0.45 -3.85
CA TYR B 306 11.85 0.81 -4.92
C TYR B 306 12.23 -0.46 -5.61
N ALA B 307 11.82 -0.56 -6.89
CA ALA B 307 11.97 -1.76 -7.65
C ALA B 307 13.06 -1.53 -8.73
N PHE B 308 14.29 -1.98 -8.51
CA PHE B 308 14.71 -3.00 -7.57
C PHE B 308 16.20 -2.79 -7.23
N GLY B 309 16.53 -3.30 -6.05
CA GLY B 309 17.88 -3.68 -5.77
C GLY B 309 18.21 -5.00 -6.36
N ARG B 310 19.50 -5.22 -6.64
CA ARG B 310 19.96 -6.42 -7.30
C ARG B 310 21.08 -7.14 -6.54
N ILE B 311 21.36 -8.35 -6.99
CA ILE B 311 22.42 -9.10 -6.39
C ILE B 311 23.65 -9.24 -7.29
N ASN B 312 24.78 -8.68 -6.83
CA ASN B 312 26.08 -8.91 -7.48
C ASN B 312 27.17 -9.40 -6.49
N ASN B 313 27.86 -10.50 -6.82
CA ASN B 313 28.85 -11.10 -5.90
C ASN B 313 28.21 -11.25 -4.53
N GLY B 314 27.00 -11.81 -4.52
CA GLY B 314 26.28 -12.21 -3.33
C GLY B 314 25.91 -11.11 -2.40
N LYS B 315 26.02 -9.88 -2.88
CA LYS B 315 25.62 -8.69 -2.16
C LYS B 315 24.58 -7.84 -2.95
N VAL B 316 23.94 -6.98 -2.18
CA VAL B 316 22.89 -6.13 -2.65
C VAL B 316 23.42 -4.79 -3.16
N VAL B 317 23.11 -4.50 -4.43
CA VAL B 317 23.61 -3.34 -5.18
C VAL B 317 22.49 -2.61 -5.90
N THR B 318 22.71 -1.38 -6.27
CA THR B 318 21.74 -0.71 -7.11
C THR B 318 21.65 -1.43 -8.50
N ILE B 319 20.51 -1.27 -9.20
CA ILE B 319 20.28 -2.00 -10.47
C ILE B 319 21.31 -1.63 -11.57
N LYS B 320 21.81 -0.41 -11.55
CA LYS B 320 22.93 -0.05 -12.46
C LYS B 320 24.16 -0.93 -12.37
N GLU B 321 24.30 -1.63 -11.25
CA GLU B 321 25.41 -2.55 -11.04
C GLU B 321 25.12 -3.96 -11.41
N ASP B 322 23.97 -4.20 -12.05
CA ASP B 322 23.55 -5.58 -12.40
C ASP B 322 23.71 -5.75 -13.88
N ALA B 323 24.72 -6.50 -14.30
CA ALA B 323 25.11 -6.53 -15.72
C ALA B 323 24.11 -7.26 -16.57
N LYS B 324 23.39 -8.19 -15.95
CA LYS B 324 22.34 -8.93 -16.62
C LYS B 324 21.34 -7.93 -17.20
N TRP B 325 21.05 -6.89 -16.44
CA TRP B 325 20.19 -5.81 -16.82
C TRP B 325 20.90 -4.80 -17.80
N THR B 326 22.03 -4.25 -17.38
CA THR B 326 22.67 -3.12 -18.14
C THR B 326 23.19 -3.54 -19.48
N GLU B 327 23.52 -4.82 -19.65
CA GLU B 327 24.12 -5.37 -20.87
C GLU B 327 23.15 -6.25 -21.65
N ASP B 328 21.85 -6.14 -21.38
CA ASP B 328 20.81 -6.81 -22.19
C ASP B 328 21.15 -6.57 -23.66
N PRO B 329 21.41 -7.66 -24.43
CA PRO B 329 21.82 -7.50 -25.85
C PRO B 329 20.64 -7.23 -26.81
N THR B 330 19.44 -7.24 -26.27
CA THR B 330 18.19 -7.17 -27.00
C THR B 330 17.81 -5.70 -27.25
N ILE B 331 18.47 -4.80 -26.53
CA ILE B 331 18.21 -3.39 -26.67
C ILE B 331 19.37 -2.74 -27.45
N THR B 332 19.32 -1.43 -27.59
CA THR B 332 20.38 -0.76 -28.38
C THR B 332 21.50 -0.37 -27.51
N GLU B 333 22.65 -0.08 -28.15
CA GLU B 333 23.77 0.39 -27.40
C GLU B 333 23.38 1.64 -26.58
N ALA B 334 22.61 2.55 -27.18
CA ALA B 334 22.24 3.78 -26.44
C ALA B 334 21.34 3.43 -25.26
N ASP B 335 20.48 2.42 -25.45
CA ASP B 335 19.64 1.92 -24.32
C ASP B 335 20.56 1.38 -23.17
N ARG B 336 21.60 0.62 -23.51
CA ARG B 336 22.52 0.10 -22.46
C ARG B 336 23.24 1.20 -21.75
N ILE B 337 23.63 2.20 -22.50
CA ILE B 337 24.30 3.35 -21.87
C ILE B 337 23.40 4.02 -20.84
N LYS B 338 22.13 4.25 -21.17
CA LYS B 338 21.17 4.81 -20.18
C LYS B 338 21.07 3.91 -18.92
N ARG B 339 20.98 2.59 -19.13
CA ARG B 339 20.93 1.63 -18.04
C ARG B 339 22.15 1.71 -17.14
N ARG B 340 23.35 1.75 -17.76
CA ARG B 340 24.60 1.85 -16.97
C ARG B 340 24.68 3.08 -16.14
N ASN B 341 24.07 4.18 -16.59
CA ASN B 341 23.96 5.42 -15.81
C ASN B 341 22.68 5.61 -15.02
N ASN B 342 21.99 4.51 -14.73
CA ASN B 342 20.69 4.65 -14.02
C ASN B 342 20.84 5.44 -12.71
N PRO B 343 20.10 6.52 -12.50
CA PRO B 343 20.28 7.38 -11.37
C PRO B 343 19.65 6.95 -10.03
N ASP B 344 20.14 5.85 -9.50
CA ASP B 344 19.56 5.22 -8.35
C ASP B 344 19.62 6.08 -7.09
N GLU B 345 20.75 6.77 -6.93
CA GLU B 345 20.96 7.54 -5.71
C GLU B 345 20.11 8.77 -5.77
N SER B 346 20.09 9.44 -6.90
CA SER B 346 19.14 10.53 -7.08
C SER B 346 17.65 10.05 -6.83
N ASN B 347 17.31 8.90 -7.40
CA ASN B 347 15.92 8.38 -7.32
C ASN B 347 15.52 8.22 -5.87
N LEU B 348 16.34 7.40 -5.17
CA LEU B 348 16.15 7.07 -3.78
C LEU B 348 16.04 8.33 -2.92
N ALA B 349 16.86 9.34 -3.18
CA ALA B 349 16.74 10.61 -2.43
C ALA B 349 15.42 11.30 -2.68
N TYR B 350 14.97 11.34 -3.94
CA TYR B 350 13.71 12.02 -4.31
C TYR B 350 12.51 11.33 -3.65
N LEU B 351 12.56 10.00 -3.59
CA LEU B 351 11.44 9.19 -3.11
C LEU B 351 11.24 9.21 -1.59
N THR B 352 12.35 9.11 -0.84
CA THR B 352 12.26 9.27 0.63
C THR B 352 11.86 10.69 0.97
N GLY B 353 12.24 11.65 0.13
CA GLY B 353 11.85 13.03 0.25
C GLY B 353 10.36 13.27 0.12
N LEU B 354 9.61 12.29 -0.39
CA LEU B 354 8.14 12.42 -0.48
C LEU B 354 7.49 12.25 0.87
N LYS B 355 8.25 11.80 1.86
CA LYS B 355 7.76 11.84 3.26
C LYS B 355 7.26 13.20 3.75
N ALA B 356 7.85 14.27 3.25
CA ALA B 356 7.38 15.61 3.51
C ALA B 356 5.91 15.72 3.19
N LYS B 357 5.44 15.07 2.10
CA LYS B 357 3.99 15.14 1.71
C LYS B 357 3.13 14.05 2.36
N ASN B 358 3.72 12.92 2.75
CA ASN B 358 3.05 11.90 3.55
C ASN B 358 4.05 11.42 4.60
N PRO B 359 4.00 11.99 5.84
CA PRO B 359 4.94 11.60 6.92
C PRO B 359 4.79 10.15 7.37
N ASN B 360 3.64 9.52 7.17
CA ASN B 360 3.51 8.08 7.48
C ASN B 360 4.07 7.12 6.47
N LEU B 361 4.51 7.66 5.33
CA LEU B 361 4.96 6.83 4.19
C LEU B 361 6.13 6.01 4.59
N LYS B 362 6.07 4.70 4.40
CA LYS B 362 7.23 3.81 4.45
C LYS B 362 7.82 3.54 3.07
N VAL B 363 9.16 3.54 2.96
CA VAL B 363 9.83 3.24 1.73
C VAL B 363 10.68 2.04 1.93
N LEU B 364 10.48 0.99 1.14
CA LEU B 364 11.30 -0.19 1.23
C LEU B 364 12.08 -0.45 -0.01
N VAL B 365 13.14 -1.23 0.11
CA VAL B 365 13.90 -1.63 -1.03
C VAL B 365 13.37 -2.96 -1.36
N SER B 366 13.04 -3.18 -2.63
CA SER B 366 12.64 -4.47 -3.08
C SER B 366 13.79 -5.08 -3.86
N ILE B 367 14.16 -6.30 -3.51
CA ILE B 367 15.36 -6.87 -4.03
C ILE B 367 15.01 -7.95 -4.89
N GLY B 368 15.46 -7.97 -6.16
CA GLY B 368 15.18 -9.12 -7.01
C GLY B 368 14.37 -8.70 -8.26
N GLY B 369 13.26 -9.44 -8.53
CA GLY B 369 12.35 -9.11 -9.62
C GLY B 369 12.56 -10.12 -10.73
N TRP B 370 11.87 -9.92 -11.85
CA TRP B 370 11.90 -10.87 -12.94
C TRP B 370 13.28 -10.87 -13.50
N GLU B 371 13.79 -12.05 -13.77
CA GLU B 371 15.13 -12.22 -14.34
C GLU B 371 16.28 -11.74 -13.44
N ALA B 372 16.02 -11.49 -12.17
CA ALA B 372 17.05 -11.07 -11.23
C ALA B 372 17.71 -12.33 -10.68
N GLU B 373 18.99 -12.46 -10.99
CA GLU B 373 19.87 -13.60 -10.60
C GLU B 373 20.45 -13.40 -9.22
N GLY B 374 21.00 -14.50 -8.69
CA GLY B 374 21.78 -14.43 -7.49
C GLY B 374 21.19 -14.98 -6.21
N PHE B 375 19.88 -15.08 -6.13
CA PHE B 375 19.25 -15.66 -4.95
C PHE B 375 19.63 -17.13 -4.64
N SER B 376 19.70 -18.06 -5.60
CA SER B 376 19.92 -19.46 -5.28
C SER B 376 21.28 -19.58 -4.55
N ASP B 377 22.31 -18.95 -5.15
CA ASP B 377 23.64 -18.81 -4.55
C ASP B 377 23.66 -18.02 -3.26
N ALA B 378 22.98 -16.88 -3.20
CA ALA B 378 22.99 -16.09 -1.97
C ALA B 378 22.45 -16.86 -0.77
N ALA B 379 21.52 -17.76 -1.03
CA ALA B 379 20.80 -18.47 0.01
C ALA B 379 21.47 -19.80 0.33
N LEU B 380 22.55 -20.13 -0.40
CA LEU B 380 23.04 -21.51 -0.48
C LEU B 380 23.56 -22.12 0.83
N THR B 381 24.26 -21.28 1.61
CA THR B 381 24.96 -21.69 2.82
C THR B 381 24.82 -20.64 3.90
N PRO B 382 25.19 -21.01 5.16
CA PRO B 382 25.14 -19.99 6.25
C PRO B 382 26.03 -18.75 6.05
N GLU B 383 27.16 -18.90 5.36
CA GLU B 383 28.07 -17.76 5.12
C GLU B 383 27.57 -16.95 3.93
N SER B 384 27.05 -17.59 2.88
CA SER B 384 26.48 -16.79 1.70
C SER B 384 25.32 -15.94 2.19
N ARG B 385 24.45 -16.59 2.94
CA ARG B 385 23.32 -15.89 3.60
C ARG B 385 23.72 -14.79 4.51
N GLU B 386 24.85 -14.96 5.20
CA GLU B 386 25.36 -13.90 6.08
C GLU B 386 25.85 -12.68 5.28
N VAL B 387 26.55 -12.89 4.19
CA VAL B 387 27.02 -11.73 3.42
C VAL B 387 25.78 -10.94 2.88
N PHE B 388 24.89 -11.70 2.25
CA PHE B 388 23.66 -11.16 1.69
C PHE B 388 22.91 -10.30 2.67
N ALA B 389 22.49 -10.93 3.79
CA ALA B 389 21.70 -10.23 4.82
C ALA B 389 22.34 -8.98 5.33
N ASN B 390 23.66 -9.05 5.54
CA ASN B 390 24.40 -7.88 6.01
C ASN B 390 24.38 -6.81 4.93
N SER B 391 24.65 -7.23 3.70
CA SER B 391 24.50 -6.32 2.53
C SER B 391 23.11 -5.64 2.42
N ALA B 392 22.08 -6.44 2.63
CA ALA B 392 20.70 -5.91 2.55
C ALA B 392 20.47 -4.87 3.55
N LEU B 393 20.94 -5.14 4.79
CA LEU B 393 20.81 -4.13 5.84
C LEU B 393 21.60 -2.87 5.53
N ASP B 394 22.78 -3.02 4.95
CA ASP B 394 23.56 -1.83 4.50
C ASP B 394 22.80 -0.93 3.54
N PHE B 395 22.17 -1.60 2.54
CA PHE B 395 21.36 -0.87 1.54
C PHE B 395 20.28 -0.09 2.22
N MET B 396 19.52 -0.82 3.08
CA MET B 396 18.40 -0.24 3.84
C MET B 396 18.83 0.98 4.62
N ASN B 397 19.92 0.78 5.38
CA ASN B 397 20.52 1.87 6.18
C ASN B 397 21.13 2.95 5.37
N LYS B 398 21.84 2.59 4.29
CA LYS B 398 22.48 3.62 3.43
C LYS B 398 21.45 4.62 2.93
N TYR B 399 20.30 4.14 2.46
CA TYR B 399 19.27 5.07 1.93
C TYR B 399 18.16 5.47 2.88
N ASN B 400 18.31 5.11 4.16
CA ASN B 400 17.34 5.48 5.21
C ASN B 400 15.93 4.90 4.98
N LEU B 401 15.91 3.65 4.59
CA LEU B 401 14.65 2.98 4.25
C LEU B 401 14.03 2.33 5.50
N ASP B 402 12.78 1.92 5.33
CA ASP B 402 11.99 1.43 6.39
C ASP B 402 11.86 -0.04 6.39
N GLY B 403 12.56 -0.73 5.51
CA GLY B 403 12.45 -2.19 5.52
C GLY B 403 12.91 -2.80 4.23
N ILE B 404 12.74 -4.11 4.11
CA ILE B 404 13.29 -4.88 3.01
C ILE B 404 12.18 -5.82 2.53
N ASP B 405 12.07 -5.94 1.22
CA ASP B 405 11.18 -6.90 0.58
C ASP B 405 11.97 -7.78 -0.38
N LEU B 406 11.75 -9.07 -0.43
CA LEU B 406 12.41 -9.90 -1.44
C LEU B 406 11.45 -10.38 -2.45
N ASP B 407 11.83 -10.27 -3.72
CA ASP B 407 11.06 -10.79 -4.87
C ASP B 407 11.92 -11.76 -5.61
N TRP B 408 12.01 -12.98 -5.07
CA TRP B 408 12.72 -14.01 -5.80
C TRP B 408 11.81 -14.76 -6.70
N GLU B 409 12.17 -14.77 -7.97
CA GLU B 409 11.27 -15.23 -9.02
C GLU B 409 11.91 -16.34 -9.82
N TYR B 410 11.88 -17.58 -9.35
CA TYR B 410 11.28 -18.04 -8.09
C TYR B 410 12.12 -19.27 -7.57
N PRO B 411 12.10 -19.52 -6.26
CA PRO B 411 12.71 -20.74 -5.69
C PRO B 411 12.43 -22.02 -6.46
N VAL B 412 13.46 -22.84 -6.67
CA VAL B 412 13.35 -24.24 -7.04
C VAL B 412 13.25 -24.41 -8.53
N TYR B 413 12.18 -23.87 -9.10
CA TYR B 413 11.95 -23.96 -10.55
C TYR B 413 12.60 -22.77 -11.32
N GLY B 414 12.97 -21.72 -10.62
CA GLY B 414 13.60 -20.53 -11.23
C GLY B 414 12.82 -19.95 -12.41
N ALA B 415 11.48 -20.00 -12.33
CA ALA B 415 10.60 -19.59 -13.43
C ALA B 415 10.97 -20.35 -14.68
N TRP B 416 11.33 -21.62 -14.49
CA TRP B 416 11.73 -22.56 -15.55
C TRP B 416 12.94 -22.17 -16.39
N GLY B 417 14.10 -21.96 -15.75
CA GLY B 417 15.36 -21.65 -16.46
C GLY B 417 15.74 -20.19 -16.64
N VAL B 418 14.84 -19.27 -16.28
CA VAL B 418 15.08 -17.84 -16.37
C VAL B 418 16.19 -17.42 -15.41
N ILE B 419 16.14 -18.01 -14.21
CA ILE B 419 17.18 -17.87 -13.24
C ILE B 419 17.63 -19.26 -12.79
N LYS B 420 18.78 -19.26 -12.17
CA LYS B 420 19.38 -20.42 -11.57
C LYS B 420 18.58 -20.79 -10.36
N SER B 421 18.32 -22.09 -10.24
CA SER B 421 17.58 -22.65 -9.11
C SER B 421 18.03 -24.10 -8.76
N ARG B 422 17.75 -24.49 -7.52
CA ARG B 422 18.03 -25.80 -7.01
C ARG B 422 16.95 -26.23 -6.02
N PRO B 423 16.84 -27.55 -5.77
CA PRO B 423 15.92 -28.06 -4.74
C PRO B 423 16.04 -27.41 -3.38
N GLU B 424 17.24 -27.01 -3.01
CA GLU B 424 17.53 -26.50 -1.68
C GLU B 424 17.04 -25.10 -1.45
N ASP B 425 16.66 -24.43 -2.56
CA ASP B 425 16.05 -23.06 -2.53
C ASP B 425 14.95 -23.00 -1.49
N LYS B 426 14.12 -24.04 -1.53
CA LYS B 426 12.98 -24.19 -0.63
C LYS B 426 13.30 -23.98 0.88
N ALA B 427 14.18 -24.79 1.50
CA ALA B 427 14.61 -24.52 2.92
C ALA B 427 15.54 -23.30 3.01
N ASN B 428 16.31 -23.07 1.96
CA ASN B 428 17.24 -21.94 2.00
C ASN B 428 16.55 -20.60 2.11
N PHE B 429 15.41 -20.49 1.37
CA PHE B 429 14.60 -19.24 1.42
C PHE B 429 14.15 -19.03 2.88
N THR B 430 13.72 -20.11 3.50
CA THR B 430 13.28 -20.01 4.92
C THR B 430 14.37 -19.46 5.86
N ALA B 431 15.55 -20.06 5.69
CA ALA B 431 16.73 -19.66 6.51
C ALA B 431 17.14 -18.21 6.24
N LEU B 432 17.15 -17.83 4.95
CA LEU B 432 17.48 -16.45 4.60
C LEU B 432 16.54 -15.47 5.26
N LEU B 433 15.25 -15.80 5.20
CA LEU B 433 14.24 -14.91 5.80
C LEU B 433 14.40 -14.83 7.31
N LYS B 434 14.59 -15.99 7.90
CA LYS B 434 14.90 -16.05 9.36
C LYS B 434 16.03 -15.11 9.75
N LEU B 435 17.15 -15.27 9.04
CA LEU B 435 18.30 -14.45 9.29
C LEU B 435 17.99 -12.97 9.24
N LEU B 436 17.29 -12.55 8.20
CA LEU B 436 17.05 -11.11 7.98
C LEU B 436 16.20 -10.55 9.08
N ARG B 437 15.20 -11.35 9.42
CA ARG B 437 14.33 -10.95 10.53
C ARG B 437 15.22 -10.80 11.84
N GLU B 438 16.07 -11.80 12.09
CA GLU B 438 17.02 -11.72 13.26
C GLU B 438 17.82 -10.42 13.22
N LYS B 439 18.48 -10.17 12.08
CA LYS B 439 19.33 -9.01 12.01
C LYS B 439 18.58 -7.71 12.15
N LEU B 440 17.32 -7.68 11.69
CA LEU B 440 16.57 -6.42 11.68
C LEU B 440 16.14 -6.18 13.10
N ASP B 441 15.70 -7.23 13.76
CA ASP B 441 15.36 -7.13 15.21
C ASP B 441 16.55 -6.67 16.06
N ALA B 442 17.71 -7.26 15.78
CA ALA B 442 18.97 -6.91 16.47
C ALA B 442 19.15 -5.43 16.35
N GLN B 443 19.10 -4.93 15.13
CA GLN B 443 19.35 -3.53 14.91
C GLN B 443 18.35 -2.59 15.60
N SER B 444 17.13 -3.06 15.74
CA SER B 444 16.06 -2.26 16.31
C SER B 444 16.23 -2.14 17.82
N THR B 445 16.96 -3.07 18.41
CA THR B 445 17.26 -2.97 19.85
C THR B 445 18.14 -1.74 20.09
N THR B 446 19.02 -1.43 19.14
CA THR B 446 19.74 -0.18 19.16
C THR B 446 18.93 1.02 18.75
N THR B 447 18.21 0.96 17.59
CA THR B 447 17.64 2.18 17.01
C THR B 447 16.28 2.53 17.57
N ASN B 448 15.60 1.56 18.19
CA ASN B 448 14.18 1.71 18.63
C ASN B 448 13.22 2.15 17.51
N LYS B 449 13.48 1.61 16.33
CA LYS B 449 12.71 1.89 15.11
C LYS B 449 12.44 0.53 14.49
N TYR B 450 11.17 0.17 14.37
CA TYR B 450 10.75 -1.13 13.81
C TYR B 450 10.88 -1.21 12.26
N TYR B 451 11.40 -2.33 11.77
CA TYR B 451 11.69 -2.57 10.33
C TYR B 451 10.79 -3.72 9.82
N GLU B 452 10.22 -3.52 8.63
CA GLU B 452 9.37 -4.52 7.97
C GLU B 452 10.19 -5.50 7.16
N LEU B 453 9.75 -6.74 7.12
CA LEU B 453 10.28 -7.71 6.19
C LEU B 453 9.11 -8.34 5.44
N ALA B 454 9.21 -8.40 4.11
CA ALA B 454 8.10 -8.84 3.25
C ALA B 454 8.64 -9.51 2.05
N ILE B 455 7.80 -10.29 1.38
CA ILE B 455 8.14 -10.84 0.09
C ILE B 455 7.04 -10.57 -0.93
N ALA B 456 7.42 -10.67 -2.20
CA ALA B 456 6.47 -10.92 -3.30
C ALA B 456 6.47 -12.38 -3.67
N ALA B 457 5.27 -12.94 -3.81
CA ALA B 457 5.07 -14.37 -4.03
C ALA B 457 4.28 -14.67 -5.31
N GLY B 458 4.55 -15.82 -5.89
CA GLY B 458 3.90 -16.31 -7.03
C GLY B 458 2.51 -16.75 -6.70
N ALA B 459 1.65 -16.62 -7.72
CA ALA B 459 0.28 -17.04 -7.59
C ALA B 459 0.09 -18.52 -7.82
N SER B 460 1.00 -19.14 -8.53
CA SER B 460 0.76 -20.55 -8.93
C SER B 460 0.86 -21.58 -7.77
N LYS B 461 0.22 -22.72 -7.99
CA LYS B 461 0.42 -23.86 -7.11
C LYS B 461 1.93 -24.28 -7.13
N THR B 462 2.60 -24.23 -8.29
CA THR B 462 4.06 -24.49 -8.37
C THR B 462 4.84 -23.63 -7.40
N TYR B 463 4.52 -22.36 -7.35
CA TYR B 463 5.16 -21.52 -6.37
C TYR B 463 4.90 -21.94 -4.90
N THR B 464 3.66 -22.18 -4.51
CA THR B 464 3.33 -22.56 -3.11
C THR B 464 4.03 -23.93 -2.66
N ASP B 465 4.14 -24.82 -3.65
CA ASP B 465 4.86 -26.10 -3.58
C ASP B 465 6.38 -25.94 -3.45
N SER B 466 6.91 -24.74 -3.75
CA SER B 466 8.34 -24.49 -3.78
C SER B 466 8.81 -23.71 -2.57
N VAL B 467 7.91 -23.35 -1.67
CA VAL B 467 8.30 -22.58 -0.51
C VAL B 467 7.54 -23.14 0.70
N GLU B 468 7.97 -22.67 1.88
CA GLU B 468 7.51 -23.19 3.19
C GLU B 468 6.65 -22.16 3.89
N LEU B 469 5.40 -22.08 3.44
CA LEU B 469 4.58 -20.93 3.79
C LEU B 469 4.37 -20.81 5.27
N THR B 470 4.03 -21.94 5.89
CA THR B 470 3.76 -21.96 7.32
C THR B 470 5.07 -21.62 8.02
N LYS B 471 6.19 -22.14 7.49
CA LYS B 471 7.50 -21.78 8.06
C LYS B 471 7.94 -20.35 7.88
N ILE B 472 7.77 -19.75 6.69
CA ILE B 472 8.29 -18.36 6.49
C ILE B 472 7.39 -17.31 7.04
N THR B 473 6.12 -17.61 7.18
CA THR B 473 5.14 -16.56 7.52
C THR B 473 5.42 -15.87 8.82
N PRO B 474 5.90 -16.63 9.86
CA PRO B 474 6.25 -15.89 11.08
C PRO B 474 7.35 -14.86 10.94
N TYR B 475 8.23 -15.02 9.97
CA TYR B 475 9.22 -13.97 9.75
C TYR B 475 8.75 -12.70 8.99
N LEU B 476 7.55 -12.75 8.37
CA LEU B 476 7.11 -11.72 7.38
C LEU B 476 6.01 -10.82 7.92
N ASP B 477 6.11 -9.51 7.80
CA ASP B 477 4.93 -8.67 8.04
C ASP B 477 3.71 -8.95 7.10
N TYR B 478 4.03 -9.29 5.86
CA TYR B 478 3.02 -9.70 4.86
C TYR B 478 3.64 -10.31 3.65
N ILE B 479 2.80 -11.05 2.92
CA ILE B 479 3.10 -11.54 1.61
C ILE B 479 2.34 -10.67 0.57
N ASN B 480 3.12 -10.09 -0.34
CA ASN B 480 2.59 -9.43 -1.56
C ASN B 480 2.27 -10.40 -2.69
N LEU B 481 1.00 -10.71 -2.90
CA LEU B 481 0.63 -11.71 -3.88
C LEU B 481 0.59 -11.16 -5.30
N MET B 482 1.35 -11.78 -6.17
CA MET B 482 1.47 -11.40 -7.56
C MET B 482 0.31 -11.95 -8.36
N THR B 483 -0.87 -11.42 -8.02
CA THR B 483 -2.10 -11.82 -8.65
C THR B 483 -2.30 -11.04 -10.00
N TYR B 484 -1.34 -11.20 -10.91
CA TYR B 484 -1.35 -10.63 -12.24
C TYR B 484 -0.45 -11.50 -13.07
N ASP B 485 -0.40 -11.25 -14.37
CA ASP B 485 0.08 -12.17 -15.33
C ASP B 485 -0.45 -13.58 -15.16
N LEU B 486 -1.71 -13.73 -14.73
CA LEU B 486 -2.23 -15.03 -14.48
C LEU B 486 -2.42 -15.81 -15.73
N HIS B 487 -2.67 -15.11 -16.82
CA HIS B 487 -2.89 -15.65 -18.17
C HIS B 487 -2.24 -14.68 -19.09
N GLY B 488 -1.98 -15.08 -20.31
CA GLY B 488 -1.13 -14.22 -21.18
C GLY B 488 -0.97 -14.82 -22.52
N GLY B 489 -0.31 -14.14 -23.47
CA GLY B 489 -0.21 -14.63 -24.84
C GLY B 489 0.43 -16.03 -25.04
N TRP B 490 1.06 -16.55 -24.00
CA TRP B 490 1.53 -17.93 -23.91
C TRP B 490 0.46 -18.95 -23.89
N ASP B 491 -0.75 -18.55 -23.46
CA ASP B 491 -1.93 -19.40 -23.46
C ASP B 491 -2.49 -19.46 -24.87
N PRO B 492 -2.98 -20.64 -25.25
CA PRO B 492 -3.56 -20.77 -26.54
C PRO B 492 -4.92 -20.05 -26.72
N ALA B 493 -5.62 -19.68 -25.63
CA ALA B 493 -6.87 -18.88 -25.77
C ALA B 493 -6.79 -17.73 -24.78
N THR B 494 -7.58 -16.69 -25.08
CA THR B 494 -7.57 -15.47 -24.31
C THR B 494 -8.23 -15.67 -22.94
N SER B 495 -7.76 -14.91 -21.96
CA SER B 495 -8.44 -14.82 -20.69
C SER B 495 -8.02 -13.58 -19.97
N HIS B 496 -8.43 -13.46 -18.72
CA HIS B 496 -8.08 -12.30 -17.85
C HIS B 496 -6.79 -12.56 -17.18
N HIS B 497 -5.91 -11.56 -17.12
CA HIS B 497 -4.61 -11.70 -16.45
C HIS B 497 -4.58 -11.31 -14.98
N THR B 498 -5.57 -10.54 -14.53
CA THR B 498 -5.51 -10.00 -13.19
C THR B 498 -6.94 -9.87 -12.61
N ALA B 499 -7.80 -10.80 -12.98
CA ALA B 499 -9.19 -10.71 -12.51
C ALA B 499 -9.40 -11.00 -11.04
N VAL B 500 -10.43 -10.39 -10.47
CA VAL B 500 -10.77 -10.61 -9.09
C VAL B 500 -11.32 -12.05 -8.88
N TYR B 501 -12.28 -12.48 -9.68
CA TYR B 501 -12.92 -13.77 -9.56
C TYR B 501 -12.68 -14.67 -10.76
N SER B 502 -12.75 -16.00 -10.53
CA SER B 502 -12.66 -16.97 -11.60
C SER B 502 -14.07 -17.22 -12.10
N ALA B 503 -14.28 -16.88 -13.36
CA ALA B 503 -15.55 -16.99 -13.99
C ALA B 503 -15.80 -18.32 -14.65
N THR B 504 -14.72 -18.97 -15.08
CA THR B 504 -14.73 -20.29 -15.62
C THR B 504 -13.68 -21.11 -14.87
N ASN B 505 -13.77 -22.41 -15.04
CA ASN B 505 -13.05 -23.34 -14.16
C ASN B 505 -11.55 -23.29 -14.23
N ASN B 506 -11.02 -23.03 -15.39
CA ASN B 506 -9.57 -22.94 -15.55
C ASN B 506 -9.00 -21.49 -15.48
N GLN B 507 -9.84 -20.52 -15.20
CA GLN B 507 -9.35 -19.14 -15.06
C GLN B 507 -8.92 -18.88 -13.64
N LEU B 508 -7.65 -18.56 -13.47
CA LEU B 508 -7.12 -18.10 -12.22
C LEU B 508 -7.51 -16.64 -11.94
N SER B 509 -7.43 -16.27 -10.66
CA SER B 509 -7.90 -15.01 -10.24
C SER B 509 -7.21 -14.65 -8.94
N VAL B 510 -7.46 -13.40 -8.45
CA VAL B 510 -7.18 -13.01 -7.10
C VAL B 510 -7.86 -14.04 -6.16
N ASP B 511 -9.12 -14.33 -6.37
CA ASP B 511 -9.87 -15.21 -5.43
C ASP B 511 -9.23 -16.64 -5.38
N SER B 512 -8.96 -17.23 -6.51
CA SER B 512 -8.28 -18.54 -6.53
C SER B 512 -6.97 -18.50 -5.79
N THR B 513 -6.21 -17.41 -5.92
CA THR B 513 -4.93 -17.31 -5.27
C THR B 513 -5.03 -17.13 -3.77
N VAL B 514 -5.90 -16.25 -3.33
CA VAL B 514 -6.08 -16.00 -1.96
C VAL B 514 -6.59 -17.28 -1.28
N LYS B 515 -7.42 -18.06 -1.98
CA LYS B 515 -7.98 -19.28 -1.41
C LYS B 515 -6.80 -20.31 -1.28
N LEU B 516 -5.90 -20.35 -2.24
CA LEU B 516 -4.74 -21.23 -2.19
C LEU B 516 -3.86 -20.89 -1.01
N TYR B 517 -3.59 -19.63 -0.82
CA TYR B 517 -2.75 -19.19 0.27
C TYR B 517 -3.42 -19.44 1.63
N LEU B 518 -4.69 -19.06 1.79
CA LEU B 518 -5.40 -19.30 3.05
C LEU B 518 -5.45 -20.83 3.36
N ASN B 519 -5.63 -21.64 2.34
CA ASN B 519 -5.63 -23.06 2.47
C ASN B 519 -4.31 -23.69 2.89
N ASN B 520 -3.20 -22.97 2.72
CA ASN B 520 -1.91 -23.40 3.22
C ASN B 520 -1.54 -22.80 4.59
N GLY B 521 -2.48 -22.17 5.27
CA GLY B 521 -2.17 -21.64 6.57
C GLY B 521 -1.79 -20.21 6.64
N VAL B 522 -1.63 -19.50 5.49
CA VAL B 522 -1.22 -18.10 5.64
C VAL B 522 -2.43 -17.31 6.12
N PRO B 523 -2.25 -16.46 7.16
CA PRO B 523 -3.34 -15.66 7.64
C PRO B 523 -3.79 -14.54 6.68
N ALA B 524 -5.09 -14.25 6.67
CA ALA B 524 -5.67 -13.17 5.80
C ALA B 524 -4.94 -11.86 6.00
N GLU B 525 -4.81 -11.50 7.29
CA GLU B 525 -4.03 -10.42 7.88
CA GLU B 525 -4.17 -10.25 7.67
C GLU B 525 -2.69 -10.09 7.18
N LYS B 526 -2.09 -11.11 6.61
CA LYS B 526 -0.75 -11.00 6.06
C LYS B 526 -0.77 -11.17 4.51
N LEU B 527 -1.97 -11.07 3.90
CA LEU B 527 -2.07 -11.25 2.45
C LEU B 527 -2.40 -9.95 1.77
N MET B 528 -1.50 -9.48 0.92
CA MET B 528 -1.78 -8.30 0.09
C MET B 528 -2.19 -8.85 -1.28
N VAL B 529 -3.25 -8.26 -1.78
CA VAL B 529 -3.75 -8.61 -3.09
C VAL B 529 -3.04 -7.76 -4.15
N GLY B 530 -2.63 -8.38 -5.23
CA GLY B 530 -1.97 -7.65 -6.34
C GLY B 530 -2.90 -7.17 -7.50
N GLY B 531 -2.60 -5.99 -7.99
CA GLY B 531 -3.23 -5.43 -9.18
C GLY B 531 -2.14 -4.93 -10.12
N ALA B 532 -2.53 -4.68 -11.35
CA ALA B 532 -1.60 -4.27 -12.41
C ALA B 532 -2.02 -3.00 -13.13
N PHE B 533 -1.06 -2.14 -13.48
CA PHE B 533 -1.30 -0.93 -14.21
C PHE B 533 -0.87 -1.12 -15.64
N TYR B 534 -1.01 -2.38 -16.09
CA TYR B 534 -0.69 -2.76 -17.44
C TYR B 534 -1.58 -3.92 -17.87
N SER B 535 -1.62 -4.15 -19.17
CA SER B 535 -2.43 -5.17 -19.75
C SER B 535 -1.57 -6.33 -20.29
N ARG B 536 -2.23 -7.46 -20.52
CA ARG B 536 -1.68 -8.58 -21.31
C ARG B 536 -2.48 -8.62 -22.58
N VAL B 537 -1.77 -8.85 -23.70
CA VAL B 537 -2.27 -8.71 -25.03
C VAL B 537 -2.15 -10.04 -25.75
N TRP B 538 -3.17 -10.38 -26.55
CA TRP B 538 -3.10 -11.46 -27.52
C TRP B 538 -3.41 -10.91 -28.90
N GLN B 539 -2.59 -11.26 -29.90
CA GLN B 539 -2.86 -10.93 -31.31
C GLN B 539 -3.40 -12.11 -32.04
N ASN B 540 -3.93 -11.87 -33.22
CA ASN B 540 -4.53 -12.91 -34.04
C ASN B 540 -5.51 -13.79 -33.30
N VAL B 541 -6.48 -13.14 -32.67
CA VAL B 541 -7.55 -13.82 -31.92
C VAL B 541 -8.70 -13.98 -32.87
N GLU B 542 -9.37 -15.14 -32.87
CA GLU B 542 -10.47 -15.34 -33.75
C GLU B 542 -11.56 -14.31 -33.40
N ASN B 543 -12.21 -13.85 -34.45
CA ASN B 543 -13.14 -12.80 -34.39
C ASN B 543 -14.50 -13.37 -34.15
N LYS B 544 -14.71 -13.74 -32.92
CA LYS B 544 -15.87 -14.39 -32.41
C LYS B 544 -16.19 -13.81 -31.03
N GLY B 545 -17.49 -13.67 -30.76
CA GLY B 545 -17.98 -13.34 -29.44
C GLY B 545 -17.48 -11.93 -29.12
N THR B 546 -16.83 -11.80 -27.98
CA THR B 546 -16.21 -10.59 -27.55
C THR B 546 -14.75 -10.71 -27.53
N GLY B 547 -14.23 -11.81 -28.11
CA GLY B 547 -12.82 -12.07 -28.00
C GLY B 547 -12.32 -12.80 -26.80
N LEU B 548 -13.10 -12.82 -25.76
CA LEU B 548 -12.76 -13.45 -24.54
C LEU B 548 -12.96 -15.00 -24.60
N SER B 549 -12.00 -15.75 -24.07
CA SER B 549 -12.06 -17.24 -24.19
C SER B 549 -12.11 -17.66 -25.67
N GLU B 550 -11.36 -16.99 -26.55
CA GLU B 550 -11.34 -17.38 -27.93
C GLU B 550 -9.89 -17.74 -28.25
N LYS B 551 -9.74 -18.52 -29.31
CA LYS B 551 -8.41 -19.04 -29.68
C LYS B 551 -7.59 -17.90 -30.28
N ALA B 552 -6.30 -17.90 -30.00
CA ALA B 552 -5.35 -16.96 -30.57
C ALA B 552 -4.26 -17.70 -31.37
N GLY B 553 -3.91 -17.13 -32.53
CA GLY B 553 -2.81 -17.64 -33.38
C GLY B 553 -1.45 -17.12 -32.96
N SER B 554 -0.74 -16.58 -33.91
CA SER B 554 0.65 -16.28 -33.68
C SER B 554 0.80 -15.02 -32.88
N GLN B 555 1.65 -15.05 -31.86
CA GLN B 555 2.05 -13.90 -31.08
C GLN B 555 3.38 -13.22 -31.49
N ALA B 556 3.91 -13.58 -32.66
CA ALA B 556 5.19 -13.03 -33.22
C ALA B 556 5.35 -11.55 -33.15
N GLY B 557 4.46 -10.80 -33.71
CA GLY B 557 4.62 -9.34 -33.53
C GLY B 557 4.28 -8.74 -32.14
N SER B 558 3.93 -9.54 -31.14
CA SER B 558 3.03 -8.97 -30.11
C SER B 558 3.78 -8.07 -29.21
N PRO B 559 3.19 -6.96 -28.76
CA PRO B 559 3.91 -6.23 -27.70
C PRO B 559 3.96 -6.96 -26.39
N GLY B 560 3.07 -7.93 -26.23
CA GLY B 560 2.95 -8.64 -24.92
C GLY B 560 2.11 -7.93 -23.87
N THR B 561 2.57 -6.73 -23.48
CA THR B 561 1.97 -5.86 -22.48
C THR B 561 1.86 -4.45 -23.06
N ILE B 562 0.79 -3.75 -22.68
CA ILE B 562 0.63 -2.33 -22.97
C ILE B 562 0.28 -1.63 -21.67
N VAL B 563 1.00 -0.58 -21.27
CA VAL B 563 0.84 0.04 -19.98
C VAL B 563 -0.49 0.84 -19.99
N TYR B 564 -1.11 0.95 -18.82
CA TYR B 564 -2.46 1.58 -18.73
C TYR B 564 -2.50 3.00 -19.35
N SER B 565 -1.50 3.84 -19.11
CA SER B 565 -1.50 5.20 -19.68
C SER B 565 -1.63 5.19 -21.20
N GLU B 566 -1.00 4.23 -21.86
CA GLU B 566 -1.09 4.11 -23.28
C GLU B 566 -2.49 3.63 -23.69
N LEU B 567 -3.07 2.73 -22.90
CA LEU B 567 -4.44 2.30 -23.16
C LEU B 567 -5.40 3.48 -23.06
N VAL B 568 -5.27 4.27 -22.06
CA VAL B 568 -6.11 5.45 -21.90
C VAL B 568 -5.93 6.35 -23.14
N ASN B 569 -4.69 6.65 -23.49
CA ASN B 569 -4.44 7.57 -24.57
C ASN B 569 -4.94 7.08 -25.93
N ASN B 570 -4.78 5.79 -26.27
CA ASN B 570 -4.95 5.37 -27.63
C ASN B 570 -5.84 4.12 -27.86
N TYR B 571 -6.30 3.46 -26.78
CA TYR B 571 -7.04 2.19 -26.99
C TYR B 571 -8.46 2.13 -26.38
N ILE B 572 -8.62 2.56 -25.15
CA ILE B 572 -9.92 2.22 -24.46
C ILE B 572 -11.03 3.06 -25.12
N ASN B 573 -11.89 2.37 -25.85
CA ASN B 573 -12.95 2.95 -26.65
C ASN B 573 -12.39 3.89 -27.72
N LYS B 574 -11.19 3.59 -28.21
CA LYS B 574 -10.51 4.37 -29.27
C LYS B 574 -9.97 3.44 -30.36
N ASN B 575 -9.83 3.95 -31.57
CA ASN B 575 -9.16 3.27 -32.64
C ASN B 575 -9.71 1.88 -32.94
N GLY B 576 -11.04 1.75 -32.90
CA GLY B 576 -11.76 0.49 -33.20
C GLY B 576 -11.74 -0.54 -32.05
N TYR B 577 -11.22 -0.19 -30.88
CA TYR B 577 -11.18 -1.13 -29.76
C TYR B 577 -12.47 -0.90 -28.90
N THR B 578 -13.26 -1.96 -28.68
CA THR B 578 -14.49 -1.90 -27.91
C THR B 578 -14.11 -2.29 -26.46
N ARG B 579 -14.64 -1.56 -25.50
CA ARG B 579 -14.53 -1.87 -24.08
C ARG B 579 -15.65 -2.84 -23.70
N TYR B 580 -15.28 -3.98 -23.08
CA TYR B 580 -16.23 -4.98 -22.58
C TYR B 580 -15.98 -5.21 -21.10
N TRP B 581 -16.93 -5.80 -20.38
CA TRP B 581 -16.78 -6.10 -19.00
C TRP B 581 -17.23 -7.54 -18.79
N ASP B 582 -16.49 -8.26 -17.98
CA ASP B 582 -16.91 -9.59 -17.55
C ASP B 582 -17.47 -9.44 -16.16
N ASP B 583 -18.77 -9.58 -16.07
CA ASP B 583 -19.45 -9.32 -14.84
C ASP B 583 -19.42 -10.48 -13.82
N THR B 584 -18.81 -11.59 -14.15
CA THR B 584 -18.53 -12.64 -13.13
C THR B 584 -17.09 -12.46 -12.64
N ALA B 585 -16.12 -12.32 -13.57
CA ALA B 585 -14.75 -12.08 -13.13
C ALA B 585 -14.54 -10.73 -12.52
N LYS B 586 -15.37 -9.74 -12.88
CA LYS B 586 -15.21 -8.32 -12.48
C LYS B 586 -13.93 -7.70 -13.10
N ALA B 587 -13.77 -7.85 -14.42
CA ALA B 587 -12.60 -7.42 -15.13
C ALA B 587 -12.98 -6.85 -16.50
N PRO B 588 -12.27 -5.81 -16.93
CA PRO B 588 -12.53 -5.25 -18.24
C PRO B 588 -11.54 -5.81 -19.26
N TYR B 589 -11.91 -5.75 -20.54
CA TYR B 589 -11.02 -6.11 -21.61
C TYR B 589 -11.45 -5.34 -22.83
N LEU B 590 -10.51 -5.22 -23.77
CA LEU B 590 -10.81 -4.63 -25.08
C LEU B 590 -10.71 -5.64 -26.19
N PHE B 591 -11.45 -5.41 -27.28
CA PHE B 591 -11.26 -6.25 -28.47
C PHE B 591 -11.60 -5.44 -29.68
N ASN B 592 -10.77 -5.56 -30.72
CA ASN B 592 -11.02 -4.91 -31.98
C ASN B 592 -11.33 -5.86 -33.14
N GLY B 593 -11.61 -7.12 -32.84
CA GLY B 593 -11.77 -8.10 -33.88
C GLY B 593 -10.50 -8.96 -34.13
N SER B 594 -9.36 -8.63 -33.54
CA SER B 594 -8.18 -9.41 -33.79
C SER B 594 -7.22 -9.33 -32.63
N THR B 595 -7.07 -8.14 -32.05
CA THR B 595 -6.33 -8.01 -30.80
C THR B 595 -7.21 -7.93 -29.55
N PHE B 596 -6.89 -8.75 -28.57
CA PHE B 596 -7.56 -8.82 -27.28
C PHE B 596 -6.64 -8.31 -26.16
N ILE B 597 -7.17 -7.44 -25.31
CA ILE B 597 -6.35 -6.78 -24.29
C ILE B 597 -7.06 -6.97 -22.98
N SER B 598 -6.37 -7.59 -22.02
CA SER B 598 -6.87 -7.78 -20.71
C SER B 598 -6.22 -6.78 -19.85
N TYR B 599 -6.97 -6.11 -18.96
CA TYR B 599 -6.40 -5.03 -18.19
C TYR B 599 -7.18 -4.80 -16.89
N GLU B 600 -6.74 -3.80 -16.16
CA GLU B 600 -7.19 -3.43 -14.85
C GLU B 600 -7.59 -1.92 -15.03
N ASP B 601 -8.76 -1.54 -14.54
CA ASP B 601 -9.29 -0.15 -14.70
C ASP B 601 -9.91 0.26 -13.38
N THR B 602 -10.73 1.32 -13.44
CA THR B 602 -11.28 1.89 -12.32
C THR B 602 -12.26 0.94 -11.66
N ALA B 603 -13.02 0.27 -12.48
CA ALA B 603 -14.01 -0.67 -11.95
C ALA B 603 -13.40 -1.95 -11.29
N SER B 604 -12.41 -2.57 -11.96
CA SER B 604 -11.76 -3.76 -11.44
C SER B 604 -10.99 -3.38 -10.17
N ALA B 605 -10.35 -2.19 -10.13
CA ALA B 605 -9.74 -1.72 -8.92
C ALA B 605 -10.76 -1.61 -7.77
N ALA B 606 -11.99 -1.18 -8.05
CA ALA B 606 -12.99 -1.06 -6.98
C ALA B 606 -13.46 -2.44 -6.51
N TYR B 607 -13.67 -3.39 -7.41
CA TYR B 607 -14.03 -4.74 -7.01
C TYR B 607 -12.93 -5.45 -6.21
N LYS B 608 -11.69 -5.12 -6.52
CA LYS B 608 -10.55 -5.69 -5.90
C LYS B 608 -10.35 -5.14 -4.50
N ALA B 609 -10.49 -3.83 -4.34
CA ALA B 609 -10.53 -3.20 -3.06
C ALA B 609 -11.69 -3.78 -2.19
N GLU B 610 -12.86 -3.95 -2.76
CA GLU B 610 -13.95 -4.53 -2.04
C GLU B 610 -13.66 -6.02 -1.66
N TYR B 611 -12.98 -6.77 -2.48
CA TYR B 611 -12.62 -8.10 -2.10
C TYR B 611 -11.70 -8.11 -0.86
N ILE B 612 -10.73 -7.22 -0.86
CA ILE B 612 -9.78 -7.07 0.18
C ILE B 612 -10.53 -6.76 1.48
N LYS B 613 -11.39 -5.78 1.46
CA LYS B 613 -12.14 -5.41 2.68
C LYS B 613 -13.04 -6.53 3.14
N GLN B 614 -13.72 -7.20 2.20
CA GLN B 614 -14.63 -8.30 2.49
C GLN B 614 -13.89 -9.46 3.14
N ASN B 615 -12.66 -9.76 2.73
CA ASN B 615 -11.93 -10.89 3.33
C ASN B 615 -10.92 -10.50 4.40
N ASN B 616 -10.99 -9.26 4.86
CA ASN B 616 -10.10 -8.73 5.84
C ASN B 616 -8.63 -9.03 5.52
N LEU B 617 -8.27 -8.70 4.28
CA LEU B 617 -6.87 -8.82 3.83
C LEU B 617 -6.10 -7.59 4.21
N ALA B 618 -4.78 -7.69 4.03
CA ALA B 618 -3.82 -6.66 4.49
C ALA B 618 -3.89 -5.35 3.70
N GLY B 619 -4.30 -5.49 2.44
CA GLY B 619 -4.37 -4.34 1.57
C GLY B 619 -4.16 -4.68 0.08
N PHE B 620 -3.80 -3.63 -0.68
CA PHE B 620 -3.72 -3.62 -2.11
C PHE B 620 -2.31 -3.29 -2.54
N MET B 621 -1.69 -4.18 -3.30
CA MET B 621 -0.33 -3.94 -3.88
C MET B 621 -0.50 -3.76 -5.41
N TYR B 622 0.31 -2.91 -6.04
CA TYR B 622 0.27 -2.81 -7.50
C TYR B 622 1.60 -2.52 -8.18
N TRP B 623 1.77 -3.12 -9.37
CA TRP B 623 2.88 -2.95 -10.25
C TRP B 623 2.38 -2.24 -11.49
N GLU B 624 2.87 -1.05 -11.85
CA GLU B 624 3.68 -0.18 -11.01
C GLU B 624 3.21 1.26 -11.26
N TYR B 625 3.48 2.10 -10.26
CA TYR B 625 2.84 3.43 -10.14
C TYR B 625 2.94 4.27 -11.39
N SER B 626 4.06 4.18 -12.10
CA SER B 626 4.28 5.09 -13.26
C SER B 626 3.45 4.78 -14.50
N GLN B 627 2.76 3.63 -14.51
CA GLN B 627 1.94 3.23 -15.67
C GLN B 627 0.54 3.75 -15.64
N ASP B 628 0.18 4.47 -14.58
CA ASP B 628 -1.17 4.98 -14.39
C ASP B 628 -1.49 6.16 -15.37
N SER B 629 -2.75 6.55 -15.40
CA SER B 629 -3.23 7.71 -16.18
C SER B 629 -2.63 9.00 -15.65
N ASP B 630 -2.84 10.06 -16.43
CA ASP B 630 -2.29 11.40 -16.10
C ASP B 630 -2.75 11.83 -14.75
N SER B 631 -4.02 11.63 -14.47
CA SER B 631 -4.60 12.02 -13.18
C SER B 631 -4.34 11.01 -12.06
N HIS B 632 -3.56 9.95 -12.32
CA HIS B 632 -3.39 8.83 -11.41
C HIS B 632 -4.68 8.17 -11.07
N GLU B 633 -5.56 7.89 -12.04
CA GLU B 633 -6.88 7.46 -11.62
C GLU B 633 -6.91 6.11 -10.88
N LEU B 634 -6.01 5.20 -11.23
CA LEU B 634 -5.98 3.91 -10.56
C LEU B 634 -5.52 4.00 -9.11
N ALA B 635 -4.39 4.66 -8.91
CA ALA B 635 -3.96 4.98 -7.55
C ALA B 635 -5.02 5.69 -6.76
N ASN B 636 -5.69 6.70 -7.33
CA ASN B 636 -6.70 7.42 -6.56
C ASN B 636 -7.91 6.58 -6.22
N THR B 637 -8.29 5.72 -7.17
CA THR B 637 -9.45 4.84 -6.97
C THR B 637 -9.20 3.88 -5.82
N ILE B 638 -8.00 3.33 -5.86
CA ILE B 638 -7.57 2.38 -4.82
C ILE B 638 -7.61 3.01 -3.41
N TYR B 639 -6.98 4.16 -3.24
CA TYR B 639 -7.08 4.92 -2.03
C TYR B 639 -8.52 5.24 -1.63
N SER B 640 -9.34 5.74 -2.56
CA SER B 640 -10.73 6.09 -2.20
C SER B 640 -11.51 4.93 -1.65
N ARG B 641 -11.28 3.78 -2.25
CA ARG B 641 -12.03 2.58 -1.88
C ARG B 641 -11.62 2.04 -0.55
N LEU B 642 -10.32 1.99 -0.29
CA LEU B 642 -9.88 1.44 0.96
C LEU B 642 -10.01 2.38 2.09
N TYR B 643 -10.10 3.68 1.83
CA TYR B 643 -10.27 4.64 2.86
C TYR B 643 -11.70 5.23 2.96
N ALA B 644 -12.68 4.62 2.28
CA ALA B 644 -14.03 5.10 2.32
C ALA B 644 -14.66 4.95 3.75
N LYS B 645 -15.33 5.99 4.23
CA LYS B 645 -16.09 5.92 5.50
C LYS B 645 -17.18 4.83 5.45
N SER B 646 -17.10 3.85 6.36
CA SER B 646 -18.20 2.88 6.54
C SER B 646 -19.51 3.66 6.81
N GLY B 647 -20.60 3.11 6.29
CA GLY B 647 -21.90 3.76 6.35
C GLY B 647 -22.23 4.85 5.33
N THR B 648 -21.24 5.38 4.58
CA THR B 648 -21.55 6.29 3.44
C THR B 648 -21.05 5.73 2.10
N PRO B 649 -21.98 5.30 1.25
CA PRO B 649 -21.52 4.83 -0.06
C PRO B 649 -20.95 6.01 -0.90
N LEU B 650 -20.02 5.64 -1.77
CA LEU B 650 -19.41 6.58 -2.68
C LEU B 650 -20.46 7.02 -3.70
N SER B 651 -20.52 8.32 -3.95
CA SER B 651 -21.24 8.92 -5.04
C SER B 651 -20.52 8.85 -6.39
N VAL B 652 -21.24 8.64 -7.47
CA VAL B 652 -20.68 8.85 -8.78
C VAL B 652 -20.30 10.36 -8.82
N GLY B 653 -19.16 10.66 -9.43
CA GLY B 653 -18.57 12.00 -9.60
C GLY B 653 -18.41 12.22 -11.14
N THR B 654 -18.68 13.46 -11.56
CA THR B 654 -18.39 13.91 -12.91
C THR B 654 -17.47 15.11 -13.07
N SER B 655 -16.92 15.24 -14.30
CA SER B 655 -16.19 16.40 -14.75
C SER B 655 -16.78 16.78 -16.10
N VAL B 656 -16.34 17.86 -16.71
CA VAL B 656 -16.85 18.21 -17.99
C VAL B 656 -15.70 18.25 -19.02
N TYR B 657 -15.96 17.75 -20.23
CA TYR B 657 -14.97 17.81 -21.27
C TYR B 657 -15.48 18.73 -22.39
N ALA B 658 -16.77 18.65 -22.68
CA ALA B 658 -17.45 19.52 -23.64
C ALA B 658 -18.73 20.05 -22.98
N GLY B 659 -18.72 21.30 -22.57
CA GLY B 659 -19.85 21.83 -21.78
C GLY B 659 -20.61 22.99 -22.37
N THR B 660 -20.43 23.22 -23.68
CA THR B 660 -21.13 24.32 -24.36
C THR B 660 -21.75 23.90 -25.68
N VAL B 661 -23.02 24.23 -25.86
CA VAL B 661 -23.69 24.24 -27.12
C VAL B 661 -24.24 25.67 -27.29
N THR B 662 -23.87 26.32 -28.39
CA THR B 662 -24.19 27.73 -28.61
C THR B 662 -25.31 27.93 -29.67
N MET B 663 -26.31 28.74 -29.30
CA MET B 663 -27.42 29.11 -30.17
C MET B 663 -26.86 29.74 -31.43
N ALA B 664 -27.45 29.44 -32.57
CA ALA B 664 -27.03 30.11 -33.85
C ALA B 664 -27.79 31.42 -34.03
N THR B 665 -29.04 31.50 -33.58
CA THR B 665 -29.81 32.77 -33.64
C THR B 665 -30.51 32.93 -32.30
N TYR B 666 -31.41 33.88 -32.16
CA TYR B 666 -32.20 33.95 -30.94
C TYR B 666 -32.99 32.70 -30.72
N THR B 667 -33.45 32.00 -31.77
CA THR B 667 -34.26 30.83 -31.54
C THR B 667 -33.70 29.52 -32.14
N GLN B 668 -32.71 29.58 -33.01
CA GLN B 668 -32.22 28.27 -33.62
C GLN B 668 -31.08 27.68 -32.80
N LEU B 669 -31.32 26.48 -32.27
CA LEU B 669 -30.31 25.77 -31.51
C LEU B 669 -29.71 24.71 -32.43
N PRO B 670 -28.42 24.78 -32.74
CA PRO B 670 -27.88 23.66 -33.58
C PRO B 670 -27.73 22.37 -32.76
N ALA B 671 -27.51 21.27 -33.49
CA ALA B 671 -27.16 20.01 -32.86
C ALA B 671 -25.87 20.20 -32.14
N GLY B 672 -25.67 19.46 -31.08
CA GLY B 672 -24.41 19.59 -30.28
C GLY B 672 -24.36 18.51 -29.25
N THR B 673 -23.19 18.29 -28.65
CA THR B 673 -22.97 17.27 -27.72
C THR B 673 -22.24 17.76 -26.49
N PHE B 674 -22.79 17.47 -25.35
CA PHE B 674 -22.13 17.68 -24.05
C PHE B 674 -21.45 16.35 -23.71
N ILE B 675 -20.24 16.44 -23.20
CA ILE B 675 -19.49 15.28 -22.79
C ILE B 675 -19.02 15.43 -21.36
N LEU B 676 -19.35 14.45 -20.50
CA LEU B 676 -19.00 14.49 -19.09
C LEU B 676 -18.32 13.17 -18.66
N PRO B 677 -17.01 13.21 -18.57
CA PRO B 677 -16.23 12.09 -17.98
C PRO B 677 -16.59 11.87 -16.51
N LEU B 678 -16.57 10.60 -16.10
CA LEU B 678 -16.70 10.30 -14.72
C LEU B 678 -15.36 10.40 -14.07
N THR B 679 -15.36 10.97 -12.86
CA THR B 679 -14.26 11.06 -11.97
C THR B 679 -14.36 10.02 -10.89
N GLN B 680 -15.51 9.47 -10.66
CA GLN B 680 -15.68 8.43 -9.63
C GLN B 680 -16.78 7.54 -10.11
N GLY B 681 -16.53 6.21 -10.21
CA GLY B 681 -17.50 5.31 -10.84
C GLY B 681 -17.11 5.06 -12.27
N THR B 682 -17.60 3.95 -12.83
CA THR B 682 -17.26 3.51 -14.16
C THR B 682 -18.50 3.15 -14.89
N LEU B 683 -18.81 3.86 -16.00
CA LEU B 683 -19.97 3.52 -16.79
C LEU B 683 -19.86 2.07 -17.33
N LYS B 684 -21.03 1.42 -17.39
CA LYS B 684 -21.23 0.28 -18.27
C LYS B 684 -20.73 0.68 -19.67
N PRO B 685 -20.19 -0.28 -20.38
CA PRO B 685 -19.73 0.06 -21.72
C PRO B 685 -20.81 0.69 -22.60
N VAL B 686 -22.07 0.25 -22.39
CA VAL B 686 -23.25 0.77 -23.02
C VAL B 686 -24.28 1.14 -21.91
N ILE B 687 -24.55 2.46 -21.75
CA ILE B 687 -25.60 2.94 -20.89
C ILE B 687 -26.91 2.98 -21.57
N SER B 688 -27.96 3.04 -20.79
CA SER B 688 -29.36 3.14 -21.26
C SER B 688 -29.95 4.49 -20.85
N ALA B 689 -31.07 4.84 -21.46
CA ALA B 689 -31.67 6.20 -21.24
C ALA B 689 -31.97 6.48 -19.77
N SER B 690 -32.34 5.44 -19.03
CA SER B 690 -32.81 5.58 -17.64
C SER B 690 -31.60 5.75 -16.71
N ASP B 691 -30.36 5.57 -17.24
CA ASP B 691 -29.18 5.73 -16.43
C ASP B 691 -28.69 7.19 -16.25
N VAL B 692 -29.28 8.12 -16.99
CA VAL B 692 -28.90 9.52 -16.93
C VAL B 692 -30.18 10.37 -16.96
N THR B 693 -30.25 11.43 -16.14
CA THR B 693 -31.34 12.39 -16.30
C THR B 693 -30.79 13.75 -16.66
N VAL B 694 -31.40 14.41 -17.62
CA VAL B 694 -30.93 15.70 -18.09
C VAL B 694 -32.11 16.69 -17.91
N SER B 695 -31.88 17.84 -17.26
CA SER B 695 -32.93 18.85 -17.19
C SER B 695 -32.36 20.16 -17.76
N GLY B 696 -33.27 20.95 -18.33
CA GLY B 696 -32.99 22.27 -18.78
C GLY B 696 -32.95 22.32 -20.29
N ILE B 697 -33.07 21.20 -21.02
CA ILE B 697 -33.04 21.29 -22.49
C ILE B 697 -34.37 21.93 -22.86
N PRO B 698 -34.41 22.93 -23.76
CA PRO B 698 -35.73 23.63 -24.01
C PRO B 698 -36.82 22.75 -24.52
N ALA B 699 -38.07 23.17 -24.30
CA ALA B 699 -39.23 22.35 -24.59
C ALA B 699 -39.28 22.17 -26.11
N GLY B 700 -39.51 20.91 -26.50
CA GLY B 700 -39.66 20.59 -27.92
C GLY B 700 -38.30 20.26 -28.56
N ILE B 701 -37.17 20.42 -27.82
CA ILE B 701 -35.88 20.02 -28.33
C ILE B 701 -35.59 18.60 -27.80
N THR B 702 -35.35 17.67 -28.71
CA THR B 702 -35.07 16.28 -28.27
C THR B 702 -33.56 16.03 -28.01
N TYR B 703 -33.27 15.05 -27.19
CA TYR B 703 -31.89 14.73 -26.90
C TYR B 703 -31.85 13.26 -26.60
N THR B 704 -30.67 12.69 -26.71
CA THR B 704 -30.43 11.28 -26.26
C THR B 704 -29.15 11.25 -25.40
N VAL B 705 -28.97 10.20 -24.59
CA VAL B 705 -27.75 10.06 -23.85
C VAL B 705 -27.09 8.75 -24.29
N ALA B 706 -25.76 8.70 -24.30
CA ALA B 706 -25.01 7.52 -24.70
C ALA B 706 -23.63 7.67 -24.08
N ASN B 707 -22.84 6.63 -24.24
CA ASN B 707 -21.42 6.68 -23.87
C ASN B 707 -20.74 7.49 -24.95
N ALA B 708 -19.90 8.42 -24.56
CA ALA B 708 -19.16 9.24 -25.56
C ALA B 708 -18.11 8.46 -26.33
N ALA B 709 -18.14 8.50 -27.64
CA ALA B 709 -17.07 7.95 -28.47
C ALA B 709 -15.73 8.56 -28.12
N ASP B 710 -14.67 7.79 -28.24
CA ASP B 710 -13.31 8.23 -27.96
C ASP B 710 -13.04 8.67 -26.54
N HIS B 711 -13.88 8.26 -25.62
CA HIS B 711 -13.62 8.39 -24.21
C HIS B 711 -13.83 7.04 -23.53
N ARG B 712 -13.06 6.80 -22.49
CA ARG B 712 -13.15 5.56 -21.78
C ARG B 712 -14.34 5.50 -20.84
N ASN B 713 -14.78 6.66 -20.34
CA ASN B 713 -15.78 6.64 -19.22
C ASN B 713 -16.52 7.96 -19.12
N ALA B 714 -17.22 8.35 -20.18
CA ALA B 714 -17.87 9.67 -20.25
C ALA B 714 -19.24 9.55 -20.85
N VAL B 715 -20.18 10.30 -20.34
CA VAL B 715 -21.48 10.43 -20.89
C VAL B 715 -21.50 11.48 -21.96
N ALA B 716 -22.17 11.18 -23.06
CA ALA B 716 -22.54 12.11 -24.11
C ALA B 716 -24.01 12.39 -24.01
N VAL B 717 -24.35 13.68 -24.07
CA VAL B 717 -25.72 14.10 -24.19
C VAL B 717 -25.82 14.70 -25.54
N TYR B 718 -26.53 14.06 -26.47
CA TYR B 718 -26.65 14.56 -27.85
C TYR B 718 -27.92 15.45 -27.91
N VAL B 719 -27.72 16.76 -28.10
CA VAL B 719 -28.85 17.69 -28.25
C VAL B 719 -29.14 17.73 -29.74
N ASN B 720 -30.34 17.38 -30.10
CA ASN B 720 -30.77 17.39 -31.51
C ASN B 720 -30.85 18.69 -32.15
N GLY B 721 -31.17 19.73 -31.41
CA GLY B 721 -31.25 20.96 -32.19
C GLY B 721 -32.68 21.17 -32.71
N GLY B 722 -32.98 22.43 -32.92
CA GLY B 722 -34.32 22.80 -33.34
C GLY B 722 -34.57 24.25 -32.93
N THR B 723 -35.85 24.57 -32.85
CA THR B 723 -36.30 25.97 -32.74
C THR B 723 -36.85 26.13 -31.34
N VAL B 724 -36.20 26.97 -30.55
CA VAL B 724 -36.67 27.20 -29.19
C VAL B 724 -37.86 28.17 -29.33
N ALA B 725 -38.82 28.05 -28.42
CA ALA B 725 -40.16 28.68 -28.54
C ALA B 725 -40.11 30.22 -28.44
N SER B 726 -39.15 30.77 -27.70
CA SER B 726 -38.99 32.21 -27.55
C SER B 726 -37.49 32.54 -27.54
N ASN B 727 -37.17 33.81 -27.70
CA ASN B 727 -35.80 34.21 -27.89
C ASN B 727 -34.94 33.82 -26.68
N VAL B 728 -33.69 33.43 -26.95
CA VAL B 728 -32.78 33.05 -25.88
C VAL B 728 -31.76 34.17 -25.77
N TYR B 729 -31.88 34.98 -24.73
CA TYR B 729 -31.00 36.16 -24.44
C TYR B 729 -29.90 35.84 -23.47
N ASP B 730 -30.12 34.87 -22.62
CA ASP B 730 -29.12 34.52 -21.61
C ASP B 730 -28.81 33.02 -21.63
N PRO B 731 -27.75 32.59 -20.97
CA PRO B 731 -27.43 31.15 -21.02
C PRO B 731 -28.53 30.32 -20.33
N ILE B 732 -28.69 29.09 -20.75
CA ILE B 732 -29.56 28.12 -20.16
C ILE B 732 -28.70 27.09 -19.42
N ASP B 733 -28.98 26.90 -18.12
CA ASP B 733 -28.26 25.93 -17.35
C ASP B 733 -28.84 24.53 -17.62
N VAL B 734 -28.00 23.60 -18.01
CA VAL B 734 -28.37 22.20 -18.26
C VAL B 734 -27.74 21.32 -17.16
N ARG B 735 -28.52 20.45 -16.50
CA ARG B 735 -28.03 19.71 -15.37
C ARG B 735 -28.14 18.20 -15.72
N VAL B 736 -27.09 17.43 -15.45
CA VAL B 736 -26.96 16.03 -15.86
C VAL B 736 -26.71 15.20 -14.62
N VAL B 737 -27.62 14.29 -14.28
CA VAL B 737 -27.33 13.43 -13.16
C VAL B 737 -27.00 12.03 -13.75
N VAL B 738 -25.89 11.45 -13.29
CA VAL B 738 -25.51 10.10 -13.66
C VAL B 738 -25.97 9.16 -12.57
N LYS B 739 -26.91 8.32 -12.91
CA LYS B 739 -27.57 7.52 -11.87
C LYS B 739 -26.69 6.38 -11.45
N ALA B 740 -26.96 5.87 -10.22
CA ALA B 740 -26.32 4.67 -9.69
C ALA B 740 -26.40 3.52 -10.70
N SER B 741 -27.49 3.40 -11.41
CA SER B 741 -27.69 2.32 -12.36
C SER B 741 -26.75 2.41 -13.57
N ALA B 742 -26.08 3.55 -13.80
CA ALA B 742 -25.19 3.73 -14.97
C ALA B 742 -23.89 3.01 -14.85
N VAL B 743 -23.45 2.71 -13.62
CA VAL B 743 -22.06 2.27 -13.41
C VAL B 743 -22.01 0.77 -13.06
N LEU B 744 -20.81 0.25 -13.13
CA LEU B 744 -20.46 -1.13 -12.97
C LEU B 744 -20.30 -1.44 -11.50
N GLU B 745 -19.82 -0.50 -10.72
CA GLU B 745 -19.64 -0.68 -9.32
C GLU B 745 -20.99 -0.91 -8.67
N ALA B 746 -21.01 -1.62 -7.60
CA ALA B 746 -22.26 -2.15 -6.99
C ALA B 746 -23.07 -1.16 -6.18
N ASN B 747 -22.50 -0.40 -5.28
CA ASN B 747 -23.48 0.32 -4.39
C ASN B 747 -23.25 1.83 -4.35
N MET B 748 -22.98 2.42 -5.51
CA MET B 748 -22.81 3.86 -5.57
C MET B 748 -24.15 4.60 -5.58
N THR B 749 -24.12 5.89 -5.26
CA THR B 749 -25.30 6.71 -5.34
C THR B 749 -25.19 7.71 -6.50
N ASP B 750 -26.31 8.27 -6.88
CA ASP B 750 -26.39 9.22 -8.03
C ASP B 750 -25.36 10.32 -7.93
N SER B 751 -24.84 10.77 -9.04
CA SER B 751 -23.93 11.93 -8.99
C SER B 751 -24.76 13.17 -8.64
N ALA B 752 -24.07 14.22 -8.21
CA ALA B 752 -24.69 15.51 -8.09
C ALA B 752 -25.01 15.96 -9.49
N PRO B 753 -25.96 16.89 -9.62
CA PRO B 753 -26.35 17.39 -10.94
C PRO B 753 -25.25 18.26 -11.55
N ALA B 754 -24.66 17.74 -12.58
CA ALA B 754 -23.53 18.44 -13.23
C ALA B 754 -24.06 19.52 -14.12
N SER B 755 -23.51 20.72 -14.02
CA SER B 755 -23.87 21.84 -14.85
C SER B 755 -23.04 21.96 -16.18
N VAL B 756 -23.75 22.05 -17.29
CA VAL B 756 -23.20 22.44 -18.59
C VAL B 756 -24.20 23.54 -19.14
N THR B 757 -23.90 24.07 -20.31
CA THR B 757 -24.45 25.32 -20.79
C THR B 757 -24.87 25.32 -22.24
N ILE B 758 -26.11 25.79 -22.46
CA ILE B 758 -26.52 26.37 -23.73
C ILE B 758 -26.25 27.85 -23.73
N MET B 759 -25.30 28.31 -24.57
CA MET B 759 -24.91 29.70 -24.66
C MET B 759 -25.79 30.45 -25.64
N PRO B 760 -26.22 31.64 -25.27
CA PRO B 760 -26.96 32.50 -26.28
C PRO B 760 -26.02 32.95 -27.44
N LYS B 761 -26.60 33.48 -28.51
CA LYS B 761 -25.96 33.54 -29.78
C LYS B 761 -24.74 34.42 -29.82
N PHE B 762 -24.58 35.39 -28.88
CA PHE B 762 -23.39 36.20 -28.90
C PHE B 762 -22.23 35.59 -28.18
N GLY B 763 -22.43 34.42 -27.55
CA GLY B 763 -21.28 33.73 -26.99
C GLY B 763 -20.80 34.25 -25.63
N PRO B 764 -19.54 33.97 -25.32
CA PRO B 764 -19.02 34.26 -23.99
C PRO B 764 -18.77 35.72 -23.78
N ILE B 765 -18.74 36.16 -22.52
CA ILE B 765 -18.33 37.52 -22.28
C ILE B 765 -16.81 37.64 -22.20
N LEU B 766 -16.36 38.86 -22.44
CA LEU B 766 -15.03 39.25 -22.24
C LEU B 766 -15.02 40.54 -21.44
N LEU B 767 -14.61 40.45 -20.18
CA LEU B 767 -14.76 41.58 -19.23
C LEU B 767 -13.39 42.07 -18.84
N GLY B 768 -13.15 43.38 -19.01
CA GLY B 768 -11.94 43.99 -18.57
C GLY B 768 -12.19 44.90 -17.41
N TYR B 769 -11.38 44.76 -16.38
CA TYR B 769 -11.32 45.77 -15.33
C TYR B 769 -10.55 46.97 -15.87
N VAL B 770 -11.15 48.15 -15.73
CA VAL B 770 -10.60 49.42 -16.16
C VAL B 770 -10.37 50.30 -14.89
N PRO B 771 -9.10 50.55 -14.54
CA PRO B 771 -8.76 51.24 -13.33
C PRO B 771 -9.09 52.71 -13.47
N GLY B 772 -9.83 53.23 -12.48
CA GLY B 772 -10.25 54.61 -12.47
C GLY B 772 -9.16 55.63 -12.07
N TRP B 773 -8.02 55.14 -11.58
CA TRP B 773 -6.89 55.95 -11.20
C TRP B 773 -5.95 56.15 -12.38
N VAL B 774 -6.32 55.69 -13.58
CA VAL B 774 -5.74 56.06 -14.85
C VAL B 774 -6.66 57.08 -15.46
N ASP B 775 -6.10 58.21 -15.90
CA ASP B 775 -6.83 59.24 -16.64
C ASP B 775 -6.89 58.83 -18.09
N TRP B 776 -7.96 58.10 -18.44
CA TRP B 776 -8.04 57.47 -19.75
C TRP B 776 -8.09 58.48 -20.90
N THR B 777 -8.84 59.54 -20.73
CA THR B 777 -8.92 60.62 -21.73
C THR B 777 -7.51 61.04 -22.21
N ASN B 778 -6.54 61.10 -21.29
CA ASN B 778 -5.15 61.49 -21.62
C ASN B 778 -4.11 60.40 -21.68
N SER B 779 -4.56 59.14 -21.68
CA SER B 779 -3.67 58.00 -21.72
C SER B 779 -3.46 57.75 -23.23
N ALA B 780 -2.22 57.55 -23.64
CA ALA B 780 -1.92 57.30 -25.02
C ALA B 780 -2.52 55.93 -25.39
N TYR B 781 -2.45 54.98 -24.47
CA TYR B 781 -3.12 53.65 -24.67
C TYR B 781 -4.62 53.71 -24.33
N LYS B 782 -5.45 53.40 -25.30
CA LYS B 782 -6.88 53.54 -25.22
C LYS B 782 -7.53 52.14 -25.05
N VAL B 783 -8.78 52.14 -24.63
CA VAL B 783 -9.59 50.94 -24.47
C VAL B 783 -10.26 50.66 -25.79
N ASP B 784 -10.12 49.41 -26.24
CA ASP B 784 -10.68 48.98 -27.51
C ASP B 784 -11.96 48.23 -27.19
N ALA B 785 -13.06 48.92 -27.39
CA ALA B 785 -14.37 48.46 -26.97
C ALA B 785 -14.88 47.45 -27.90
N THR B 786 -14.27 47.27 -29.09
CA THR B 786 -14.66 46.20 -30.01
C THR B 786 -14.26 44.79 -29.52
N LYS B 787 -13.28 44.72 -28.63
CA LYS B 787 -12.78 43.49 -28.09
C LYS B 787 -13.34 43.14 -26.73
N LEU B 788 -13.96 44.10 -26.03
CA LEU B 788 -14.69 43.83 -24.78
C LEU B 788 -16.16 43.71 -24.98
N THR B 789 -16.80 42.82 -24.21
CA THR B 789 -18.25 42.91 -24.07
C THR B 789 -18.60 43.69 -22.83
N HIS B 790 -17.68 43.68 -21.87
CA HIS B 790 -17.99 44.23 -20.52
C HIS B 790 -16.77 44.96 -20.00
N ILE B 791 -17.03 46.00 -19.26
CA ILE B 791 -16.07 46.67 -18.41
C ILE B 791 -16.52 46.77 -17.00
N ASN B 792 -15.65 46.47 -16.06
CA ASN B 792 -15.87 46.88 -14.68
C ASN B 792 -15.01 48.13 -14.34
N TYR B 793 -15.61 49.23 -13.90
CA TYR B 793 -14.86 50.43 -13.49
C TYR B 793 -14.49 50.32 -12.04
N ALA B 794 -13.19 50.19 -11.75
CA ALA B 794 -12.64 50.08 -10.41
C ALA B 794 -12.20 51.49 -9.92
N PHE B 795 -12.74 52.08 -8.85
CA PHE B 795 -13.84 51.54 -8.08
C PHE B 795 -14.66 52.71 -7.58
N ALA B 796 -15.90 52.43 -7.16
CA ALA B 796 -16.63 53.26 -6.22
C ALA B 796 -16.41 52.71 -4.81
N ARG B 797 -16.65 53.50 -3.81
CA ARG B 797 -16.36 53.12 -2.42
C ARG B 797 -17.54 53.44 -1.59
N ILE B 798 -17.49 53.03 -0.34
CA ILE B 798 -18.61 53.22 0.54
C ILE B 798 -18.13 54.16 1.66
N LYS B 799 -18.85 55.27 1.82
CA LYS B 799 -18.61 56.21 2.94
C LYS B 799 -19.96 56.60 3.53
N ASP B 800 -20.13 56.36 4.86
CA ASP B 800 -21.34 56.72 5.60
C ASP B 800 -22.55 55.95 5.03
N ASN B 801 -22.26 54.71 4.63
CA ASN B 801 -23.23 53.89 4.04
C ASN B 801 -23.83 54.40 2.73
N LYS B 802 -23.06 55.19 2.00
CA LYS B 802 -23.46 55.77 0.73
C LYS B 802 -22.34 55.40 -0.24
N VAL B 803 -22.67 55.28 -1.52
CA VAL B 803 -21.71 54.96 -2.49
C VAL B 803 -21.11 56.26 -3.03
N VAL B 804 -19.80 56.34 -3.05
CA VAL B 804 -19.06 57.58 -3.37
C VAL B 804 -17.92 57.29 -4.31
N LYS B 805 -17.40 58.32 -4.95
CA LYS B 805 -16.19 58.18 -5.74
C LYS B 805 -15.01 57.82 -4.87
N ILE B 806 -14.04 57.12 -5.48
CA ILE B 806 -12.87 56.59 -4.75
C ILE B 806 -12.06 57.69 -4.08
N SER B 807 -12.10 58.89 -4.66
CA SER B 807 -11.43 60.05 -4.02
C SER B 807 -12.01 60.44 -2.66
N GLU B 808 -13.14 59.87 -2.24
CA GLU B 808 -13.70 60.12 -0.94
C GLU B 808 -13.34 59.09 0.08
N ASP B 809 -12.61 58.07 -0.31
CA ASP B 809 -12.07 57.10 0.66
C ASP B 809 -10.69 57.64 1.10
N ILE B 810 -10.60 58.17 2.32
CA ILE B 810 -9.39 58.86 2.79
C ILE B 810 -8.37 57.82 3.14
N ASN B 811 -8.78 56.62 3.57
CA ASN B 811 -7.80 55.56 3.71
C ASN B 811 -6.99 55.35 2.40
N TRP B 812 -7.67 55.37 1.27
CA TRP B 812 -7.04 55.12 0.02
C TRP B 812 -6.27 56.37 -0.43
N VAL B 813 -6.88 57.56 -0.29
CA VAL B 813 -6.27 58.79 -0.76
C VAL B 813 -4.89 58.96 -0.08
N ASN B 814 -4.85 58.73 1.22
CA ASN B 814 -3.63 58.83 2.03
C ASN B 814 -2.88 57.55 2.26
N GLU B 815 -3.10 56.53 1.43
CA GLU B 815 -2.38 55.29 1.57
C GLU B 815 -0.84 55.50 1.65
N PHE B 816 -0.31 56.36 0.77
CA PHE B 816 1.09 56.70 0.67
C PHE B 816 1.33 58.12 1.22
N PRO B 817 2.48 58.29 1.92
CA PRO B 817 2.81 59.59 2.48
C PRO B 817 3.19 60.63 1.40
N SER B 818 3.67 60.18 0.22
CA SER B 818 3.91 61.08 -0.94
C SER B 818 2.85 62.11 -1.12
N GLU B 819 3.22 63.36 -0.94
CA GLU B 819 2.30 64.42 -1.17
C GLU B 819 1.86 64.55 -2.66
N GLU B 820 2.67 64.05 -3.59
CA GLU B 820 2.21 64.05 -4.99
C GLU B 820 1.06 63.05 -5.23
N ILE B 821 1.22 61.83 -4.72
CA ILE B 821 0.25 60.77 -4.83
C ILE B 821 -1.05 61.19 -4.12
N ARG B 822 -0.96 61.78 -2.92
CA ARG B 822 -2.14 62.24 -2.22
C ARG B 822 -2.92 63.23 -3.04
N GLU B 823 -2.23 64.17 -3.66
CA GLU B 823 -2.91 65.20 -4.47
C GLU B 823 -3.54 64.54 -5.67
N GLN B 824 -2.82 63.65 -6.31
CA GLN B 824 -3.37 62.98 -7.50
C GLN B 824 -4.64 62.13 -7.11
N ARG B 825 -4.62 61.51 -5.93
CA ARG B 825 -5.73 60.68 -5.46
C ARG B 825 -6.92 61.52 -5.11
N ARG B 826 -6.70 62.65 -4.43
CA ARG B 826 -7.79 63.62 -4.13
C ARG B 826 -8.49 64.10 -5.39
N ASN B 827 -7.72 64.20 -6.46
CA ASN B 827 -8.18 64.64 -7.75
C ASN B 827 -8.37 63.46 -8.77
N ASN B 828 -8.63 62.26 -8.28
CA ASN B 828 -8.86 61.11 -9.14
C ASN B 828 -9.85 61.47 -10.23
N PRO B 829 -9.47 61.18 -11.48
CA PRO B 829 -10.20 61.64 -12.63
C PRO B 829 -11.48 60.86 -12.98
N ASP B 830 -12.43 60.78 -12.04
CA ASP B 830 -13.63 59.95 -12.18
C ASP B 830 -14.53 60.57 -13.16
N ASP B 831 -14.83 61.87 -13.04
CA ASP B 831 -15.73 62.46 -14.02
C ASP B 831 -15.20 62.37 -15.46
N ALA B 832 -13.92 62.67 -15.67
CA ALA B 832 -13.34 62.52 -17.03
C ALA B 832 -13.43 61.05 -17.50
N ASN B 833 -13.10 60.12 -16.62
CA ASN B 833 -13.29 58.67 -16.97
C ASN B 833 -14.71 58.31 -17.30
N PHE B 834 -15.71 58.91 -16.64
CA PHE B 834 -17.04 58.57 -16.95
C PHE B 834 -17.42 59.15 -18.32
N ALA B 835 -16.91 60.33 -18.68
CA ALA B 835 -17.19 60.80 -20.05
C ALA B 835 -16.49 59.93 -21.05
N TYR B 836 -15.29 59.47 -20.72
CA TYR B 836 -14.58 58.52 -21.63
C TYR B 836 -15.36 57.22 -21.85
N LEU B 837 -15.81 56.61 -20.75
CA LEU B 837 -16.57 55.35 -20.85
C LEU B 837 -17.81 55.53 -21.72
N LYS B 838 -18.42 56.70 -21.60
CA LYS B 838 -19.57 56.97 -22.40
C LYS B 838 -19.30 57.00 -23.91
N THR B 839 -18.07 57.34 -24.33
CA THR B 839 -17.69 57.42 -25.71
C THR B 839 -17.38 56.03 -26.18
N LEU B 840 -16.79 55.22 -25.32
CA LEU B 840 -16.72 53.82 -25.59
C LEU B 840 -18.09 53.31 -25.93
N LYS B 841 -19.09 53.69 -25.14
CA LYS B 841 -20.40 53.05 -25.28
C LYS B 841 -21.05 53.42 -26.61
N GLN B 842 -20.45 54.36 -27.36
CA GLN B 842 -20.90 54.71 -28.73
C GLN B 842 -20.29 53.85 -29.80
N GLN B 843 -18.99 53.68 -29.85
CA GLN B 843 -18.39 52.69 -30.77
C GLN B 843 -18.41 51.19 -30.39
N ASN B 844 -19.07 50.85 -29.28
CA ASN B 844 -19.59 49.53 -29.24
C ASN B 844 -20.91 49.68 -28.50
N PRO B 845 -22.02 49.88 -29.24
CA PRO B 845 -23.28 50.08 -28.54
C PRO B 845 -23.79 48.88 -27.72
N SER B 846 -23.26 47.69 -27.98
CA SER B 846 -23.56 46.52 -27.14
C SER B 846 -22.64 46.42 -25.86
N LEU B 847 -21.60 47.26 -25.75
CA LEU B 847 -20.77 47.25 -24.55
C LEU B 847 -21.60 47.47 -23.29
N LYS B 848 -21.34 46.69 -22.25
CA LYS B 848 -21.83 46.94 -20.90
C LYS B 848 -20.74 47.42 -19.98
N VAL B 849 -20.99 48.53 -19.29
CA VAL B 849 -20.07 49.09 -18.33
C VAL B 849 -20.73 49.09 -16.96
N LEU B 850 -20.12 48.41 -16.00
CA LEU B 850 -20.65 48.27 -14.68
C LEU B 850 -19.73 49.06 -13.74
N VAL B 851 -20.29 49.51 -12.65
CA VAL B 851 -19.47 50.07 -11.57
C VAL B 851 -19.15 49.01 -10.57
N SER B 852 -17.85 48.82 -10.26
CA SER B 852 -17.44 47.97 -9.23
C SER B 852 -17.35 48.79 -7.95
N ILE B 853 -18.09 48.36 -6.95
CA ILE B 853 -18.04 48.93 -5.64
C ILE B 853 -17.25 48.04 -4.76
N GLY B 854 -16.20 48.61 -4.19
CA GLY B 854 -15.36 47.95 -3.23
C GLY B 854 -13.95 47.83 -3.67
N GLY B 855 -13.45 46.59 -3.61
CA GLY B 855 -12.05 46.28 -3.93
C GLY B 855 -11.25 46.16 -2.68
N TRP B 856 -9.95 46.08 -2.86
CA TRP B 856 -8.98 45.72 -1.80
C TRP B 856 -8.99 46.82 -0.74
N ALA B 857 -9.12 46.42 0.51
CA ALA B 857 -9.18 47.36 1.68
C ALA B 857 -10.38 48.24 1.69
N ALA B 858 -11.41 47.99 0.86
CA ALA B 858 -12.52 48.92 0.76
C ALA B 858 -13.44 48.56 1.90
N GLU B 859 -13.76 49.59 2.68
CA GLU B 859 -14.61 49.45 3.91
C GLU B 859 -16.08 49.66 3.67
N GLY B 860 -16.88 49.29 4.66
CA GLY B 860 -18.29 49.58 4.65
C GLY B 860 -19.26 48.46 4.41
N PHE B 861 -18.79 47.32 3.87
CA PHE B 861 -19.74 46.27 3.56
C PHE B 861 -20.35 45.59 4.77
N SER B 862 -19.55 45.27 5.77
CA SER B 862 -20.04 44.51 6.92
C SER B 862 -21.14 45.29 7.67
N ASP B 863 -20.88 46.56 7.84
CA ASP B 863 -21.88 47.49 8.34
C ASP B 863 -23.03 47.65 7.42
N ALA B 864 -22.77 47.80 6.12
CA ALA B 864 -23.94 47.98 5.20
C ALA B 864 -24.84 46.78 5.18
N ALA B 865 -24.28 45.61 5.36
CA ALA B 865 -25.04 44.36 5.22
C ALA B 865 -25.83 43.96 6.44
N LEU B 866 -25.71 44.72 7.53
CA LEU B 866 -26.17 44.29 8.85
C LEU B 866 -27.65 44.24 9.07
N THR B 867 -28.46 45.15 8.56
CA THR B 867 -29.88 45.13 8.90
C THR B 867 -30.64 45.44 7.63
N PRO B 868 -31.95 45.19 7.62
CA PRO B 868 -32.69 45.59 6.43
C PRO B 868 -32.52 47.07 6.08
N GLU B 869 -32.32 47.90 7.09
CA GLU B 869 -32.28 49.32 6.88
C GLU B 869 -30.99 49.72 6.23
N THR B 870 -29.89 49.16 6.68
CA THR B 870 -28.58 49.57 6.08
C THR B 870 -28.45 49.04 4.65
N ARG B 871 -29.00 47.87 4.40
CA ARG B 871 -28.95 47.24 3.05
C ARG B 871 -29.73 48.11 2.06
N GLU B 872 -30.92 48.51 2.49
CA GLU B 872 -31.77 49.43 1.80
C GLU B 872 -31.06 50.74 1.45
N GLU B 873 -30.43 51.34 2.45
CA GLU B 873 -29.76 52.57 2.21
C GLU B 873 -28.55 52.43 1.22
N LEU B 874 -27.76 51.39 1.39
CA LEU B 874 -26.62 51.17 0.50
C LEU B 874 -27.17 50.88 -0.92
N ALA B 875 -28.21 50.08 -1.02
CA ALA B 875 -28.72 49.69 -2.34
C ALA B 875 -29.25 50.89 -3.09
N ASN B 876 -30.07 51.69 -2.43
CA ASN B 876 -30.59 52.89 -3.04
C ASN B 876 -29.47 53.82 -3.43
N SER B 877 -28.47 53.97 -2.58
CA SER B 877 -27.34 54.82 -2.96
C SER B 877 -26.50 54.29 -4.16
N ALA B 878 -26.28 52.96 -4.20
CA ALA B 878 -25.55 52.35 -5.31
C ALA B 878 -26.29 52.54 -6.62
N ILE B 879 -27.61 52.45 -6.54
CA ILE B 879 -28.44 52.67 -7.73
C ILE B 879 -28.41 54.11 -8.18
N ALA B 880 -28.45 55.04 -7.23
CA ALA B 880 -28.38 56.46 -7.65
C ALA B 880 -27.03 56.73 -8.36
N PHE B 881 -25.96 56.14 -7.83
CA PHE B 881 -24.64 56.32 -8.43
C PHE B 881 -24.62 55.72 -9.88
N MET B 882 -25.21 54.56 -10.01
CA MET B 882 -25.32 53.86 -11.28
C MET B 882 -25.95 54.73 -12.35
N HIS B 883 -27.13 55.22 -12.06
CA HIS B 883 -27.81 56.11 -12.98
C HIS B 883 -27.10 57.44 -13.21
N GLN B 884 -26.61 58.05 -12.15
CA GLN B 884 -26.00 59.35 -12.28
C GLN B 884 -24.81 59.32 -13.29
N TYR B 885 -23.98 58.27 -13.22
CA TYR B 885 -22.82 58.16 -14.11
C TYR B 885 -22.96 57.25 -15.30
N GLY B 886 -24.18 56.85 -15.61
CA GLY B 886 -24.39 56.16 -16.88
C GLY B 886 -23.96 54.67 -16.91
N PHE B 887 -23.95 54.00 -15.78
CA PHE B 887 -23.62 52.53 -15.71
C PHE B 887 -24.74 51.62 -16.11
N ASP B 888 -24.39 50.41 -16.55
CA ASP B 888 -25.33 49.38 -17.03
C ASP B 888 -25.52 48.23 -16.01
N GLY B 889 -24.92 48.39 -14.85
CA GLY B 889 -25.05 47.44 -13.78
C GLY B 889 -24.11 47.71 -12.66
N ILE B 890 -24.18 46.87 -11.64
CA ILE B 890 -23.37 46.99 -10.44
C ILE B 890 -22.61 45.66 -10.18
N ASP B 891 -21.33 45.77 -9.93
CA ASP B 891 -20.52 44.69 -9.43
C ASP B 891 -20.06 44.99 -8.02
N LEU B 892 -20.19 44.05 -7.10
CA LEU B 892 -19.73 44.24 -5.72
C LEU B 892 -18.51 43.39 -5.44
N ASP B 893 -17.47 44.01 -4.93
CA ASP B 893 -16.17 43.39 -4.70
C ASP B 893 -15.85 43.58 -3.24
N TRP B 894 -16.37 42.68 -2.40
CA TRP B 894 -16.24 42.73 -0.98
C TRP B 894 -15.10 41.79 -0.65
N GLU B 895 -14.04 42.35 -0.07
CA GLU B 895 -12.78 41.59 0.11
C GLU B 895 -12.41 41.53 1.58
N TYR B 896 -13.00 40.62 2.36
CA TYR B 896 -13.88 39.52 1.98
C TYR B 896 -14.76 39.33 3.19
N PRO B 897 -15.97 38.82 3.01
CA PRO B 897 -16.87 38.54 4.13
C PRO B 897 -16.25 37.63 5.17
N VAL B 898 -16.59 37.90 6.44
CA VAL B 898 -16.29 37.02 7.62
C VAL B 898 -14.88 37.20 8.07
N TYR B 899 -13.94 36.89 7.19
CA TYR B 899 -12.56 37.03 7.54
C TYR B 899 -11.94 38.37 7.28
N GLY B 900 -12.57 39.23 6.48
CA GLY B 900 -12.09 40.58 6.35
C GLY B 900 -10.68 40.70 5.78
N ALA B 901 -10.30 39.73 4.98
CA ALA B 901 -8.89 39.61 4.48
C ALA B 901 -7.90 39.62 5.64
N PHE B 902 -8.32 38.99 6.74
CA PHE B 902 -7.52 38.84 7.97
C PHE B 902 -7.23 40.22 8.62
N GLY B 903 -8.28 40.97 8.89
CA GLY B 903 -8.15 42.22 9.63
C GLY B 903 -7.88 43.45 8.79
N VAL B 904 -7.91 43.36 7.46
CA VAL B 904 -7.80 44.57 6.62
C VAL B 904 -9.10 45.42 6.64
N ILE B 905 -10.27 44.79 6.83
CA ILE B 905 -11.52 45.53 6.85
C ILE B 905 -12.29 44.95 7.95
N LYS B 906 -13.25 45.70 8.44
CA LYS B 906 -14.09 45.13 9.46
C LYS B 906 -14.83 43.89 8.96
N SER B 907 -14.97 42.89 9.83
CA SER B 907 -15.76 41.73 9.51
C SER B 907 -16.43 41.10 10.71
N ARG B 908 -17.50 40.34 10.45
CA ARG B 908 -18.31 39.62 11.40
C ARG B 908 -18.73 38.25 10.89
N PRO B 909 -19.05 37.29 11.81
CA PRO B 909 -19.55 36.00 11.36
C PRO B 909 -20.84 36.09 10.52
N GLU B 910 -21.68 37.04 10.89
CA GLU B 910 -22.92 37.30 10.29
C GLU B 910 -22.74 37.74 8.80
N ASP B 911 -21.55 38.18 8.38
CA ASP B 911 -21.30 38.65 6.95
C ASP B 911 -21.76 37.57 5.96
N LYS B 912 -21.63 36.29 6.37
CA LYS B 912 -21.95 35.17 5.50
C LYS B 912 -23.40 35.18 5.04
N GLN B 913 -24.34 35.27 5.97
CA GLN B 913 -25.74 35.34 5.65
C GLN B 913 -26.21 36.74 5.15
N ASN B 914 -25.59 37.76 5.69
CA ASN B 914 -25.95 39.11 5.33
C ASN B 914 -25.53 39.46 3.86
N PHE B 915 -24.42 38.89 3.39
CA PHE B 915 -24.02 39.04 2.00
C PHE B 915 -25.11 38.51 1.07
N THR B 916 -25.69 37.38 1.44
CA THR B 916 -26.77 36.77 0.68
C THR B 916 -27.96 37.76 0.71
N ALA B 917 -28.27 38.33 1.87
CA ALA B 917 -29.44 39.26 1.96
C ALA B 917 -29.16 40.55 1.22
N LEU B 918 -27.91 40.96 1.21
CA LEU B 918 -27.48 42.15 0.46
C LEU B 918 -27.68 41.99 -1.06
N LEU B 919 -27.21 40.88 -1.59
CA LEU B 919 -27.37 40.54 -3.02
C LEU B 919 -28.79 40.36 -3.36
N LYS B 920 -29.56 39.69 -2.50
CA LYS B 920 -30.98 39.52 -2.77
C LYS B 920 -31.66 40.89 -2.92
N LEU B 921 -31.33 41.80 -2.02
CA LEU B 921 -31.99 43.14 -2.03
C LEU B 921 -31.51 43.91 -3.26
N PHE B 922 -30.22 43.87 -3.53
CA PHE B 922 -29.69 44.57 -4.74
C PHE B 922 -30.40 44.06 -6.03
N ARG B 923 -30.61 42.74 -6.13
CA ARG B 923 -31.30 42.17 -7.33
C ARG B 923 -32.73 42.60 -7.39
N GLU B 924 -33.42 42.62 -6.25
CA GLU B 924 -34.77 43.17 -6.25
C GLU B 924 -34.82 44.63 -6.71
N LYS B 925 -33.97 45.46 -6.18
CA LYS B 925 -33.99 46.86 -6.58
C LYS B 925 -33.63 47.05 -8.02
N LEU B 926 -32.72 46.25 -8.55
CA LEU B 926 -32.32 46.44 -9.93
C LEU B 926 -33.40 45.89 -10.86
N ASP B 927 -34.14 44.86 -10.44
CA ASP B 927 -35.39 44.52 -11.19
C ASP B 927 -36.33 45.71 -11.29
N VAL B 928 -36.53 46.37 -10.16
CA VAL B 928 -37.39 47.58 -10.12
C VAL B 928 -36.86 48.62 -11.09
N GLU B 929 -35.55 48.86 -11.01
CA GLU B 929 -34.93 49.87 -11.87
C GLU B 929 -35.13 49.49 -13.35
N GLY B 930 -34.97 48.21 -13.68
CA GLY B 930 -35.11 47.83 -15.01
C GLY B 930 -36.51 48.00 -15.55
N ALA B 931 -37.49 47.68 -14.70
CA ALA B 931 -38.86 47.74 -15.09
C ALA B 931 -39.35 49.22 -15.20
N LEU B 932 -38.59 50.14 -14.59
CA LEU B 932 -38.83 51.60 -14.71
C LEU B 932 -38.15 52.23 -15.88
N HIS B 933 -36.97 51.75 -16.23
CA HIS B 933 -36.10 52.37 -17.24
C HIS B 933 -36.16 51.73 -18.58
N GLY B 934 -36.99 50.75 -18.72
CA GLY B 934 -37.02 50.09 -20.04
C GLY B 934 -35.74 49.34 -20.40
N LYS B 935 -35.07 48.71 -19.42
CA LYS B 935 -33.82 48.02 -19.73
C LYS B 935 -33.42 47.04 -18.62
N TYR B 936 -32.33 46.33 -18.82
CA TYR B 936 -31.92 45.29 -17.90
C TYR B 936 -30.64 45.80 -17.28
N TYR B 937 -30.55 45.71 -15.94
CA TYR B 937 -29.30 46.02 -15.25
C TYR B 937 -28.69 44.73 -14.64
N GLU B 938 -27.38 44.56 -14.83
CA GLU B 938 -26.65 43.39 -14.31
C GLU B 938 -26.30 43.63 -12.89
N LEU B 939 -26.17 42.55 -12.17
CA LEU B 939 -25.55 42.48 -10.84
C LEU B 939 -24.51 41.34 -10.84
N ALA B 940 -23.25 41.62 -10.46
CA ALA B 940 -22.26 40.60 -10.42
C ALA B 940 -21.44 40.82 -9.16
N ILE B 941 -20.58 39.87 -8.83
CA ILE B 941 -19.56 40.07 -7.83
C ILE B 941 -18.25 39.61 -8.36
N ALA B 942 -17.20 40.06 -7.70
CA ALA B 942 -15.88 39.42 -7.80
C ALA B 942 -15.71 38.58 -6.60
N SER B 943 -15.14 37.39 -6.78
CA SER B 943 -15.03 36.37 -5.74
C SER B 943 -13.63 35.73 -5.73
N ALA B 944 -13.30 35.10 -4.60
CA ALA B 944 -11.95 34.62 -4.34
C ALA B 944 -11.86 33.08 -4.43
N ALA B 945 -10.62 32.63 -4.49
CA ALA B 945 -10.26 31.22 -4.75
C ALA B 945 -10.17 30.36 -3.51
N ALA B 946 -9.84 30.94 -2.35
CA ALA B 946 -9.49 30.14 -1.21
C ALA B 946 -10.64 29.39 -0.56
N PRO B 947 -10.31 28.22 0.05
CA PRO B 947 -11.44 27.54 0.68
C PRO B 947 -12.08 28.42 1.75
N ILE B 948 -11.35 29.31 2.38
CA ILE B 948 -11.97 30.14 3.43
C ILE B 948 -13.05 31.07 2.83
N TYR B 949 -12.76 31.56 1.66
CA TYR B 949 -13.76 32.39 0.88
C TYR B 949 -15.00 31.58 0.61
N ILE B 950 -14.80 30.37 0.11
CA ILE B 950 -15.93 29.49 -0.22
C ILE B 950 -16.84 29.18 1.01
N ASN B 951 -16.18 29.10 2.16
CA ASN B 951 -16.85 28.81 3.37
C ASN B 951 -17.47 30.02 4.01
N SER B 952 -17.08 31.21 3.56
CA SER B 952 -17.47 32.48 4.16
C SER B 952 -18.66 33.11 3.39
N VAL B 953 -19.11 32.45 2.29
CA VAL B 953 -20.14 32.95 1.40
C VAL B 953 -21.08 31.82 1.04
N GLU B 954 -22.35 32.07 0.84
CA GLU B 954 -23.29 31.05 0.49
C GLU B 954 -23.39 30.93 -1.04
N LEU B 955 -22.37 30.34 -1.65
CA LEU B 955 -22.36 30.24 -3.09
C LEU B 955 -23.60 29.65 -3.70
N ASP B 956 -24.10 28.59 -3.07
CA ASP B 956 -25.31 28.00 -3.69
CA ASP B 956 -25.36 27.90 -3.39
C ASP B 956 -26.54 28.85 -3.47
N LYS B 957 -26.55 29.84 -2.53
CA LYS B 957 -27.76 30.61 -2.37
C LYS B 957 -27.66 31.94 -3.13
N ILE B 958 -26.47 32.35 -3.55
CA ILE B 958 -26.36 33.69 -4.12
C ILE B 958 -26.41 33.77 -5.65
N HIS B 959 -26.06 32.65 -6.32
CA HIS B 959 -25.98 32.62 -7.78
C HIS B 959 -27.20 33.01 -8.46
N GLN B 960 -28.34 32.71 -7.86
CA GLN B 960 -29.60 33.13 -8.42
C GLN B 960 -29.79 34.66 -8.63
N TYR B 961 -29.15 35.49 -7.82
CA TYR B 961 -29.26 36.96 -7.91
C TYR B 961 -28.27 37.58 -8.91
N LEU B 962 -27.28 36.78 -9.40
CA LEU B 962 -26.13 37.24 -10.09
C LEU B 962 -26.13 36.92 -11.56
N ASP B 963 -25.69 37.83 -12.41
CA ASP B 963 -25.43 37.49 -13.78
C ASP B 963 -24.21 36.56 -13.90
N TYR B 964 -23.19 36.78 -13.09
CA TYR B 964 -22.03 35.91 -13.06
C TYR B 964 -21.24 36.31 -11.83
N MET B 965 -20.26 35.47 -11.49
CA MET B 965 -19.19 35.74 -10.49
C MET B 965 -17.91 35.83 -11.26
N SER B 966 -17.15 36.93 -11.13
CA SER B 966 -15.84 37.07 -11.75
C SER B 966 -14.86 36.48 -10.77
N VAL B 967 -14.43 35.20 -11.00
CA VAL B 967 -13.66 34.52 -10.01
C VAL B 967 -12.18 34.90 -10.25
N MET B 968 -11.54 35.32 -9.15
CA MET B 968 -10.16 35.80 -9.14
C MET B 968 -9.23 34.56 -9.09
N THR B 969 -9.09 33.91 -10.25
CA THR B 969 -8.32 32.67 -10.42
C THR B 969 -6.85 33.12 -10.65
N TYR B 970 -6.30 33.73 -9.61
CA TYR B 970 -4.95 34.32 -9.61
C TYR B 970 -4.56 34.69 -8.19
N ASP B 971 -3.34 35.19 -7.96
CA ASP B 971 -2.82 35.43 -6.60
C ASP B 971 -2.83 34.23 -5.72
N TYR B 972 -2.70 33.03 -6.29
CA TYR B 972 -2.69 31.82 -5.50
C TYR B 972 -1.46 31.67 -4.55
N HIS B 973 -0.34 32.18 -5.02
CA HIS B 973 0.93 32.07 -4.33
C HIS B 973 1.67 33.38 -4.56
N GLY B 974 2.57 33.69 -3.62
CA GLY B 974 3.45 34.90 -3.78
C GLY B 974 4.38 35.10 -2.57
N SER B 975 4.80 36.34 -2.32
CA SER B 975 5.92 36.66 -1.36
C SER B 975 5.64 36.32 0.09
N TRP B 976 4.37 36.25 0.46
CA TRP B 976 3.98 35.78 1.77
C TRP B 976 4.39 34.31 2.03
N GLU B 977 4.83 33.56 1.02
CA GLU B 977 5.32 32.19 1.21
C GLU B 977 6.76 32.18 0.72
N SER B 978 7.50 31.14 1.10
CA SER B 978 8.92 31.02 0.76
C SER B 978 9.20 30.06 -0.36
N LYS B 979 8.21 29.24 -0.75
CA LYS B 979 8.37 28.24 -1.75
C LYS B 979 7.70 28.72 -3.04
N THR B 980 8.29 28.43 -4.18
CA THR B 980 7.79 28.96 -5.42
C THR B 980 6.64 28.05 -5.95
N ALA B 981 5.84 28.62 -6.86
CA ALA B 981 4.65 27.94 -7.44
C ALA B 981 3.90 28.88 -8.38
N HIS B 982 2.86 28.35 -9.06
CA HIS B 982 2.18 29.13 -10.08
C HIS B 982 1.07 29.94 -9.38
N GLN B 983 1.13 31.24 -9.58
CA GLN B 983 0.14 32.19 -8.96
C GLN B 983 -1.21 32.24 -9.69
N ALA B 984 -1.26 31.77 -10.93
CA ALA B 984 -2.41 31.92 -11.79
C ALA B 984 -2.67 30.74 -12.73
N SER B 985 -2.17 29.55 -12.41
CA SER B 985 -2.19 28.47 -13.41
C SER B 985 -3.60 27.99 -13.73
N VAL B 986 -3.87 27.77 -15.01
CA VAL B 986 -5.15 27.26 -15.44
C VAL B 986 -5.43 25.81 -15.02
N TYR B 987 -4.44 24.92 -15.05
CA TYR B 987 -4.53 23.60 -14.41
C TYR B 987 -3.52 23.40 -13.28
N THR B 988 -3.82 22.46 -12.41
CA THR B 988 -2.97 22.22 -11.26
C THR B 988 -1.77 21.39 -11.82
N SER B 989 -0.54 21.84 -11.62
CA SER B 989 0.66 21.08 -12.11
C SER B 989 0.68 19.65 -11.59
N ALA B 990 1.10 18.72 -12.44
CA ALA B 990 1.31 17.28 -12.05
C ALA B 990 2.32 17.20 -10.93
N LEU B 991 3.24 18.17 -10.89
CA LEU B 991 4.23 18.28 -9.78
C LEU B 991 3.79 19.02 -8.52
N SER B 992 2.51 19.36 -8.35
CA SER B 992 2.09 19.93 -7.11
C SER B 992 0.67 19.45 -6.80
N PRO B 993 0.55 18.17 -6.39
CA PRO B 993 -0.75 17.64 -6.18
C PRO B 993 -1.59 18.49 -5.20
N GLY B 994 -2.86 18.70 -5.50
CA GLY B 994 -3.77 19.38 -4.56
C GLY B 994 -3.64 20.92 -4.65
N ASP B 995 -2.78 21.45 -5.51
CA ASP B 995 -2.51 22.87 -5.60
C ASP B 995 -3.61 23.66 -6.40
N PHE B 996 -3.60 24.97 -6.23
CA PHE B 996 -4.62 25.86 -6.85
C PHE B 996 -4.48 25.99 -8.33
N SER B 997 -5.60 25.89 -9.00
CA SER B 997 -5.67 26.32 -10.38
C SER B 997 -7.04 26.84 -10.68
N ALA B 998 -7.20 27.42 -11.85
CA ALA B 998 -8.53 27.78 -12.32
C ALA B 998 -9.44 26.56 -12.31
N ASP B 999 -8.93 25.44 -12.81
CA ASP B 999 -9.68 24.18 -12.87
C ASP B 999 -10.11 23.78 -11.50
N SER B 1000 -9.19 23.74 -10.53
CA SER B 1000 -9.55 23.28 -9.21
C SER B 1000 -10.51 24.24 -8.54
N VAL B 1001 -10.28 25.53 -8.71
CA VAL B 1001 -11.18 26.55 -8.07
C VAL B 1001 -12.59 26.55 -8.65
N LEU B 1002 -12.64 26.55 -9.98
CA LEU B 1002 -13.95 26.58 -10.66
C LEU B 1002 -14.68 25.27 -10.55
N THR B 1003 -13.95 24.14 -10.38
CA THR B 1003 -14.62 22.93 -9.98
C THR B 1003 -15.23 23.01 -8.61
N ALA B 1004 -14.50 23.52 -7.63
CA ALA B 1004 -15.02 23.65 -6.31
C ALA B 1004 -16.22 24.58 -6.29
N TYR B 1005 -16.22 25.64 -7.06
CA TYR B 1005 -17.47 26.47 -7.12
C TYR B 1005 -18.67 25.65 -7.64
N ARG B 1006 -18.38 24.84 -8.64
CA ARG B 1006 -19.43 24.00 -9.22
C ARG B 1006 -19.90 22.94 -8.26
N LYS B 1007 -18.98 22.38 -7.47
CA LYS B 1007 -19.39 21.39 -6.46
C LYS B 1007 -20.23 21.99 -5.33
N GLN B 1008 -20.16 23.31 -5.13
CA GLN B 1008 -21.09 24.01 -4.26
C GLN B 1008 -22.44 24.26 -4.85
N GLY B 1009 -22.61 24.01 -6.14
CA GLY B 1009 -23.86 24.10 -6.88
C GLY B 1009 -23.91 25.30 -7.84
N VAL B 1010 -22.86 26.04 -8.01
CA VAL B 1010 -22.96 27.22 -8.90
C VAL B 1010 -22.96 26.72 -10.33
N PRO B 1011 -23.90 27.20 -11.14
CA PRO B 1011 -23.90 26.80 -12.57
C PRO B 1011 -22.68 27.33 -13.27
N ALA B 1012 -22.15 26.50 -14.18
CA ALA B 1012 -21.02 26.89 -15.05
C ALA B 1012 -21.24 28.24 -15.72
N SER B 1013 -22.46 28.49 -16.11
CA SER B 1013 -22.78 29.69 -16.85
C SER B 1013 -22.87 30.98 -15.95
N LYS B 1014 -22.62 30.84 -14.65
CA LYS B 1014 -22.50 32.00 -13.75
C LYS B 1014 -21.10 32.18 -13.26
N LEU B 1015 -20.17 31.54 -13.96
CA LEU B 1015 -18.77 31.64 -13.62
C LEU B 1015 -17.95 32.30 -14.72
N VAL B 1016 -17.02 33.14 -14.31
CA VAL B 1016 -16.16 33.82 -15.21
C VAL B 1016 -14.73 33.53 -14.76
N ILE B 1017 -13.88 33.07 -15.69
CA ILE B 1017 -12.49 32.72 -15.35
C ILE B 1017 -11.63 33.98 -15.45
N GLY B 1018 -10.67 34.10 -14.53
CA GLY B 1018 -9.93 35.32 -14.34
C GLY B 1018 -8.46 35.18 -14.83
N GLY B 1019 -8.07 36.13 -15.65
CA GLY B 1019 -6.66 36.33 -16.04
C GLY B 1019 -6.04 37.54 -15.32
N ALA B 1020 -4.72 37.46 -15.05
CA ALA B 1020 -4.00 38.53 -14.35
C ALA B 1020 -2.95 39.09 -15.30
N PHE B 1021 -2.94 40.40 -15.48
CA PHE B 1021 -1.94 41.04 -16.35
C PHE B 1021 -0.70 41.54 -15.54
N TYR B 1022 -0.41 40.86 -14.45
CA TYR B 1022 0.73 41.20 -13.61
C TYR B 1022 1.28 39.90 -13.09
N ALA B 1023 2.51 39.98 -12.60
CA ALA B 1023 3.21 38.83 -12.02
C ALA B 1023 3.38 38.86 -10.54
N ARG B 1024 3.74 37.70 -10.02
CA ARG B 1024 4.30 37.56 -8.66
C ARG B 1024 5.57 36.75 -8.79
N GLY B 1025 6.34 36.68 -7.73
CA GLY B 1025 7.70 36.11 -7.87
C GLY B 1025 8.45 35.98 -6.56
N TRP B 1026 9.64 35.34 -6.60
CA TRP B 1026 10.48 35.17 -5.41
C TRP B 1026 11.95 35.40 -5.80
N VAL B 1027 12.77 35.83 -4.83
CA VAL B 1027 14.25 35.96 -5.00
C VAL B 1027 14.91 34.85 -4.18
N ASN B 1028 16.25 34.68 -4.35
CA ASN B 1028 17.00 33.60 -3.69
C ASN B 1028 16.34 32.26 -3.92
N VAL B 1029 16.14 31.95 -5.20
CA VAL B 1029 15.51 30.71 -5.57
C VAL B 1029 16.59 29.80 -6.19
N PRO B 1030 16.80 28.63 -5.59
CA PRO B 1030 17.85 27.69 -6.06
C PRO B 1030 17.67 27.36 -7.51
N ASN B 1031 18.75 27.25 -8.28
CA ASN B 1031 18.60 26.81 -9.67
C ASN B 1031 18.46 25.29 -9.76
N ILE B 1032 17.27 24.81 -9.38
CA ILE B 1032 16.84 23.42 -9.53
C ILE B 1032 15.47 23.48 -10.22
N ASN B 1033 15.34 22.71 -11.31
CA ASN B 1033 14.18 22.70 -12.21
C ASN B 1033 13.74 24.09 -12.57
N HIS B 1034 14.72 24.93 -12.88
CA HIS B 1034 14.54 26.32 -13.19
C HIS B 1034 13.74 27.07 -12.12
N GLY B 1035 13.94 26.71 -10.86
CA GLY B 1035 13.29 27.41 -9.73
C GLY B 1035 11.85 27.00 -9.41
N LEU B 1036 11.27 26.05 -10.17
CA LEU B 1036 9.86 25.70 -10.03
C LEU B 1036 9.63 24.76 -8.88
N PHE B 1037 8.79 25.17 -7.94
CA PHE B 1037 8.48 24.40 -6.72
C PHE B 1037 9.76 24.17 -5.89
N GLN B 1038 10.56 25.23 -5.76
CA GLN B 1038 11.78 25.24 -4.93
C GLN B 1038 11.59 26.07 -3.66
N GLN B 1039 12.14 25.57 -2.57
CA GLN B 1039 12.26 26.38 -1.35
C GLN B 1039 13.16 27.61 -1.65
N ALA B 1040 12.73 28.79 -1.22
CA ALA B 1040 13.45 30.04 -1.52
C ALA B 1040 13.91 30.71 -0.22
N GLY B 1041 14.92 31.57 -0.34
CA GLY B 1041 15.50 32.26 0.80
C GLY B 1041 14.81 33.54 1.26
N ASP B 1042 15.63 34.52 1.61
CA ASP B 1042 15.16 35.75 2.16
C ASP B 1042 14.52 36.55 1.03
N GLN B 1043 13.34 37.08 1.32
CA GLN B 1043 12.50 37.73 0.34
C GLN B 1043 12.52 39.24 0.42
N ALA B 1044 13.45 39.84 1.16
CA ALA B 1044 13.46 41.28 1.31
C ALA B 1044 13.59 41.99 -0.02
N LYS B 1045 14.27 41.38 -0.97
CA LYS B 1045 14.34 41.99 -2.32
C LYS B 1045 13.26 41.42 -3.32
N ASN B 1046 12.19 40.82 -2.79
CA ASN B 1046 11.10 40.25 -3.66
C ASN B 1046 10.61 41.27 -4.70
N PRO B 1047 10.38 40.85 -5.98
CA PRO B 1047 9.95 41.88 -7.00
C PRO B 1047 8.54 42.42 -6.89
N GLY B 1048 7.75 41.93 -5.94
CA GLY B 1048 6.38 42.43 -5.69
C GLY B 1048 5.47 41.96 -6.84
N THR B 1049 4.88 42.94 -7.54
CA THR B 1049 3.90 42.68 -8.55
C THR B 1049 4.13 43.53 -9.75
N PRO B 1050 5.25 43.30 -10.48
CA PRO B 1050 5.37 43.86 -11.84
C PRO B 1050 4.24 43.53 -12.81
N THR B 1051 3.91 44.51 -13.60
CA THR B 1051 2.87 44.33 -14.56
C THR B 1051 3.47 43.70 -15.77
N TYR B 1052 2.62 43.21 -16.68
CA TYR B 1052 3.13 42.71 -17.94
C TYR B 1052 4.04 43.79 -18.62
N ASN B 1053 3.65 45.06 -18.56
CA ASN B 1053 4.52 46.09 -19.15
C ASN B 1053 5.93 46.11 -18.48
N ASP B 1054 5.99 45.98 -17.16
CA ASP B 1054 7.25 45.86 -16.51
C ASP B 1054 7.99 44.62 -17.05
N LEU B 1055 7.26 43.51 -17.25
CA LEU B 1055 7.90 42.30 -17.70
C LEU B 1055 8.54 42.59 -19.04
N VAL B 1056 7.80 43.30 -19.88
CA VAL B 1056 8.27 43.58 -21.21
C VAL B 1056 9.55 44.43 -21.18
N LYS B 1057 9.57 45.54 -20.48
CA LYS B 1057 10.75 46.41 -20.57
C LYS B 1057 11.95 45.98 -19.67
N ASP B 1058 11.70 45.23 -18.60
CA ASP B 1058 12.73 44.96 -17.58
C ASP B 1058 13.08 43.49 -17.36
N TYR B 1059 12.37 42.51 -17.93
CA TYR B 1059 12.59 41.08 -17.56
C TYR B 1059 12.85 40.19 -18.75
N PHE B 1060 11.94 40.28 -19.71
CA PHE B 1060 12.09 39.52 -20.93
C PHE B 1060 13.45 39.81 -21.61
N ASP B 1061 14.22 38.73 -21.83
CA ASP B 1061 15.55 38.78 -22.47
C ASP B 1061 16.55 39.67 -21.73
N LYS B 1062 16.47 39.65 -20.40
CA LYS B 1062 17.36 40.37 -19.52
C LYS B 1062 17.86 39.37 -18.55
N GLY B 1063 18.27 38.22 -19.08
CA GLY B 1063 18.79 37.17 -18.24
C GLY B 1063 17.71 36.27 -17.68
N TYR B 1064 16.45 36.48 -18.11
CA TYR B 1064 15.33 35.66 -17.69
C TYR B 1064 15.09 34.78 -18.87
N THR B 1065 14.93 33.49 -18.58
CA THR B 1065 14.43 32.54 -19.57
C THR B 1065 12.97 32.13 -19.24
N ARG B 1066 12.17 32.04 -20.30
CA ARG B 1066 10.75 31.66 -20.23
C ARG B 1066 10.69 30.14 -20.26
N TYR B 1067 10.09 29.56 -19.25
CA TYR B 1067 9.76 28.14 -19.21
C TYR B 1067 8.21 27.93 -19.23
N TRP B 1068 7.80 26.65 -19.37
CA TRP B 1068 6.44 26.30 -19.55
C TRP B 1068 6.13 25.03 -18.77
N ASP B 1069 5.30 25.11 -17.73
CA ASP B 1069 4.74 23.91 -17.08
C ASP B 1069 3.56 23.38 -17.87
N ASN B 1070 3.81 22.31 -18.62
CA ASN B 1070 2.81 21.88 -19.59
C ASN B 1070 1.64 21.25 -18.90
N SER B 1071 1.82 20.67 -17.72
CA SER B 1071 0.69 20.09 -17.07
C SER B 1071 -0.18 21.24 -16.52
N ALA B 1072 0.45 22.33 -16.06
CA ALA B 1072 -0.29 23.52 -15.52
C ALA B 1072 -0.80 24.46 -16.58
N LYS B 1073 -0.23 24.37 -17.79
CA LYS B 1073 -0.38 25.34 -18.85
C LYS B 1073 -0.07 26.76 -18.37
N ALA B 1074 1.08 26.88 -17.75
CA ALA B 1074 1.49 28.11 -17.13
C ALA B 1074 2.92 28.42 -17.46
N PRO B 1075 3.20 29.69 -17.80
CA PRO B 1075 4.56 30.14 -17.95
C PRO B 1075 5.21 30.62 -16.67
N TYR B 1076 6.55 30.60 -16.69
CA TYR B 1076 7.35 31.17 -15.65
C TYR B 1076 8.69 31.59 -16.20
N LEU B 1077 9.33 32.50 -15.49
CA LEU B 1077 10.62 33.04 -15.86
C LEU B 1077 11.59 32.62 -14.77
N TYR B 1078 12.82 32.27 -15.14
CA TYR B 1078 13.93 32.10 -14.17
C TYR B 1078 15.16 32.88 -14.67
N ASN B 1079 15.84 33.48 -13.71
CA ASN B 1079 17.11 34.19 -13.97
C ASN B 1079 18.02 33.76 -12.80
N PRO B 1080 18.97 32.85 -13.06
CA PRO B 1080 19.87 32.41 -11.96
C PRO B 1080 20.69 33.58 -11.34
N ASP B 1081 20.93 34.59 -12.15
CA ASP B 1081 21.81 35.68 -11.75
C ASP B 1081 21.18 36.85 -10.99
N ALA B 1082 19.86 36.98 -10.97
CA ALA B 1082 19.26 38.28 -10.62
C ALA B 1082 19.39 38.64 -9.15
N ASN B 1083 18.89 37.81 -8.24
CA ASN B 1083 19.03 38.13 -6.79
C ASN B 1083 19.06 36.84 -6.07
N GLY B 1084 20.12 36.11 -6.31
CA GLY B 1084 20.28 34.79 -5.69
C GLY B 1084 19.52 33.71 -6.43
N GLY B 1085 19.05 34.07 -7.65
CA GLY B 1085 18.00 33.34 -8.40
C GLY B 1085 16.57 33.95 -8.23
N THR B 1086 16.01 34.46 -9.33
CA THR B 1086 14.64 35.07 -9.37
C THR B 1086 13.65 34.26 -10.30
N PHE B 1087 12.53 33.87 -9.70
CA PHE B 1087 11.48 33.07 -10.32
C PHE B 1087 10.24 33.93 -10.41
N ILE B 1088 9.64 34.00 -11.59
CA ILE B 1088 8.46 34.85 -11.86
C ILE B 1088 7.28 33.96 -12.35
N THR B 1089 6.08 34.19 -11.84
CA THR B 1089 4.86 33.46 -12.25
C THR B 1089 3.83 34.46 -12.66
N TYR B 1090 3.30 34.23 -13.85
CA TYR B 1090 2.48 35.24 -14.52
C TYR B 1090 1.55 34.58 -15.53
N ASP B 1091 0.62 35.36 -16.14
CA ASP B 1091 -0.12 34.91 -17.32
C ASP B 1091 0.49 35.53 -18.53
N ASP B 1092 0.51 34.80 -19.65
CA ASP B 1092 0.94 35.37 -20.95
C ASP B 1092 -0.04 35.06 -22.04
N GLU B 1093 0.33 35.29 -23.30
CA GLU B 1093 -0.61 35.03 -24.35
C GLU B 1093 -1.04 33.59 -24.47
N GLU B 1094 -0.17 32.66 -24.14
CA GLU B 1094 -0.45 31.26 -24.25
C GLU B 1094 -1.37 30.83 -23.10
N SER B 1095 -1.02 31.20 -21.89
CA SER B 1095 -1.85 30.79 -20.76
C SER B 1095 -3.27 31.41 -20.86
N LEU B 1096 -3.38 32.61 -21.41
CA LEU B 1096 -4.70 33.24 -21.50
C LEU B 1096 -5.53 32.58 -22.58
N LYS B 1097 -4.88 32.12 -23.64
CA LYS B 1097 -5.56 31.30 -24.63
C LYS B 1097 -6.13 30.10 -23.98
N TYR B 1098 -5.34 29.41 -23.17
CA TYR B 1098 -5.86 28.20 -22.54
C TYR B 1098 -7.03 28.52 -21.51
N LYS B 1099 -6.97 29.66 -20.80
CA LYS B 1099 -8.09 30.11 -19.89
C LYS B 1099 -9.36 30.29 -20.68
N ALA B 1100 -9.21 30.87 -21.85
CA ALA B 1100 -10.28 31.13 -22.74
C ALA B 1100 -10.88 29.84 -23.35
N GLU B 1101 -9.98 28.91 -23.67
CA GLU B 1101 -10.36 27.60 -24.11
C GLU B 1101 -11.07 26.83 -23.03
N TYR B 1102 -10.57 26.91 -21.80
CA TYR B 1102 -11.22 26.35 -20.63
C TYR B 1102 -12.63 26.89 -20.50
N ALA B 1103 -12.81 28.23 -20.57
CA ALA B 1103 -14.16 28.85 -20.54
C ALA B 1103 -15.12 28.26 -21.57
N LYS B 1104 -14.68 28.16 -22.80
CA LYS B 1104 -15.51 27.60 -23.87
C LYS B 1104 -15.84 26.13 -23.65
N ASN B 1105 -14.85 25.33 -23.25
CA ASN B 1105 -15.05 23.89 -23.12
C ASN B 1105 -15.81 23.53 -21.88
N GLN B 1106 -15.77 24.39 -20.85
CA GLN B 1106 -16.46 24.09 -19.60
C GLN B 1106 -17.83 24.72 -19.48
N GLY B 1107 -18.22 25.53 -20.48
CA GLY B 1107 -19.54 26.17 -20.42
C GLY B 1107 -19.60 27.35 -19.47
N LEU B 1108 -18.50 28.00 -19.30
CA LEU B 1108 -18.43 29.19 -18.48
C LEU B 1108 -19.06 30.41 -19.17
N ARG B 1109 -19.42 31.41 -18.36
CA ARG B 1109 -20.00 32.63 -18.95
C ARG B 1109 -18.95 33.35 -19.83
N GLY B 1110 -17.70 33.35 -19.41
CA GLY B 1110 -16.66 34.06 -20.15
C GLY B 1110 -15.38 34.19 -19.40
N VAL B 1111 -14.62 35.24 -19.73
CA VAL B 1111 -13.34 35.50 -19.19
C VAL B 1111 -13.32 36.97 -18.76
N MET B 1112 -12.54 37.25 -17.70
CA MET B 1112 -12.32 38.51 -17.18
C MET B 1112 -10.84 38.69 -16.98
N PHE B 1113 -10.36 39.94 -16.96
CA PHE B 1113 -8.99 40.13 -16.53
C PHE B 1113 -8.81 41.41 -15.74
N TRP B 1114 -7.78 41.41 -14.89
CA TRP B 1114 -7.30 42.55 -14.16
C TRP B 1114 -5.86 42.86 -14.62
N ASP B 1115 -5.54 44.04 -15.15
CA ASP B 1115 -6.45 45.10 -15.55
C ASP B 1115 -5.96 45.68 -16.83
N TYR B 1116 -6.82 46.49 -17.43
CA TYR B 1116 -6.61 46.97 -18.79
C TYR B 1116 -5.27 47.77 -18.92
N SER B 1117 -4.85 48.47 -17.86
CA SER B 1117 -3.69 49.37 -17.93
C SER B 1117 -2.36 48.61 -17.97
N GLN B 1118 -2.38 47.29 -17.65
CA GLN B 1118 -1.15 46.60 -17.30
C GLN B 1118 -0.43 45.99 -18.50
N ASP B 1119 -0.96 46.19 -19.72
CA ASP B 1119 -0.43 45.66 -20.97
C ASP B 1119 -0.81 46.60 -22.09
N ILE B 1120 0.06 47.62 -22.31
CA ILE B 1120 -0.20 48.65 -23.33
C ILE B 1120 0.03 48.12 -24.77
N SER B 1121 0.43 46.84 -24.90
CA SER B 1121 0.56 46.20 -26.20
C SER B 1121 -0.71 45.70 -26.79
N GLY B 1122 -1.76 45.47 -25.97
CA GLY B 1122 -2.98 44.88 -26.53
C GLY B 1122 -2.87 43.37 -26.80
N LYS B 1123 -1.70 42.78 -26.54
CA LYS B 1123 -1.50 41.38 -26.88
C LYS B 1123 -2.20 40.42 -25.90
N LEU B 1124 -2.16 40.71 -24.60
CA LEU B 1124 -2.86 39.85 -23.61
C LEU B 1124 -4.35 39.76 -23.94
N LEU B 1125 -4.95 40.92 -24.20
CA LEU B 1125 -6.37 41.00 -24.56
C LEU B 1125 -6.60 40.32 -25.89
N GLY B 1126 -5.69 40.54 -26.85
CA GLY B 1126 -5.86 39.95 -28.18
C GLY B 1126 -5.85 38.41 -28.12
N ALA B 1127 -5.07 37.85 -27.22
CA ALA B 1127 -5.02 36.44 -27.03
C ALA B 1127 -6.35 35.84 -26.52
N ILE B 1128 -6.97 36.54 -25.59
CA ILE B 1128 -8.27 36.13 -25.08
C ILE B 1128 -9.27 36.22 -26.18
N PHE B 1129 -9.34 37.37 -26.80
CA PHE B 1129 -10.35 37.67 -27.74
C PHE B 1129 -10.24 36.72 -28.92
N ASN B 1130 -9.00 36.45 -29.40
CA ASN B 1130 -8.90 35.58 -30.59
C ASN B 1130 -9.38 34.19 -30.26
N GLU B 1131 -9.06 33.67 -29.09
CA GLU B 1131 -9.49 32.32 -28.72
C GLU B 1131 -11.00 32.28 -28.51
N LEU B 1132 -11.56 33.33 -27.89
CA LEU B 1132 -13.06 33.30 -27.69
C LEU B 1132 -13.82 33.40 -28.98
N LYS B 1133 -13.26 34.07 -29.97
CA LYS B 1133 -13.93 34.10 -31.28
C LYS B 1133 -13.79 32.82 -32.06
N ALA B 1134 -12.62 32.18 -31.99
CA ALA B 1134 -12.27 30.98 -32.79
C ALA B 1134 -13.34 29.82 -32.78
NA NA C . 26.40 -48.79 22.70
P PO4 D . -28.61 54.44 -16.81
O1 PO4 D . -27.72 54.00 -15.63
O2 PO4 D . -29.59 55.29 -16.10
O3 PO4 D . -27.75 55.13 -17.75
O4 PO4 D . -29.35 53.24 -17.44
C FMT E . 20.10 -44.63 22.60
O1 FMT E . 20.34 -45.89 22.72
O2 FMT E . 18.86 -44.08 22.47
C FMT F . 15.08 -39.75 34.81
O1 FMT F . 15.78 -39.47 33.81
O2 FMT F . 15.67 -40.10 35.99
C FMT G . 5.61 -10.98 12.25
O1 FMT G . 6.75 -11.48 12.17
O2 FMT G . 4.50 -11.67 12.55
C FMT H . -15.50 -2.25 -17.84
O1 FMT H . -15.50 -2.38 -19.11
O2 FMT H . -14.73 -1.50 -16.95
C FMT I . -17.22 48.65 7.81
O1 FMT I . -16.04 48.55 7.35
O2 FMT I . -18.25 47.75 7.61
C FMT J . -34.39 12.66 -18.51
O1 FMT J . -33.30 12.65 -19.17
O2 FMT J . -34.82 11.66 -17.69
C FMT K . 23.95 -51.30 36.99
O1 FMT K . 23.60 -52.50 36.97
O2 FMT K . 23.87 -50.49 35.91
C FMT L . -23.34 19.76 -8.29
O1 FMT L . -22.15 19.77 -7.99
O2 FMT L . -24.22 20.70 -7.92
C FMT M . -5.08 10.68 -19.52
O1 FMT M . -4.25 9.91 -19.07
O2 FMT M . -5.94 11.16 -18.67
C FMT N . -27.36 14.83 -32.54
O1 FMT N . -28.51 15.04 -32.93
O2 FMT N . -26.80 15.50 -31.53
#